data_9FXW
#
_entry.id   9FXW
#
_cell.length_a   63.542
_cell.length_b   90.729
_cell.length_c   77.678
_cell.angle_alpha   90.000
_cell.angle_beta   109.519
_cell.angle_gamma   90.000
#
_symmetry.space_group_name_H-M   'P 1 21 1'
#
loop_
_entity.id
_entity.type
_entity.pdbx_description
1 polymer 'Isoform 2 of Autotaxin'
2 branched alpha-D-mannopyranose-(1-6)-alpha-D-mannopyranose-(1-6)-beta-D-mannopyranose-(1-4)-2-acetamido-2-deoxy-beta-D-glucopyranose-(1-4)-2-acetamido-2-deoxy-beta-D-glucopyranose
3 non-polymer 'ZINC ION'
4 non-polymer 'CALCIUM ION'
5 non-polymer 'IODIDE ION'
6 non-polymer N-(3-(3-((4-(4-fluorophenyl)thiazol-2-yl)(methyl)amino)-6-(1-(methylsulfonyl)piperidin-4-yl)imidazo[1,2-b]pyridazin-2-yl)propyl)-2-oxo-2,3-dihydrobenzo[d]oxazole-6-carboxamide
7 non-polymer 'THIOCYANATE ION'
8 non-polymer GLYCEROL
9 water water
#
_entity_poly.entity_id   1
_entity_poly.type   'polypeptide(L)'
_entity_poly.pdbx_seq_one_letter_code
;GSCKGRCFELQEVGPPDCRCDNLCKSYSSCCHDFDELCLKTARGWECTKDRCGEVRNEENACHCSEDCLSRGDCCTNYQV
VCKGESHWVDDDCEEIKVPECPAGFVRPPLIIFSVDGFRASYMKKGSKVMPNIEKLRSCGTHAPYMRPVYPTKTFPNLYT
LATGLYPESHGIVGNSMYDPVFDASFHLRGREKFNHRWWGGQPLWITATKQGVRAGTFFWSVSIPHERRILTILQWLSLP
DNERPSVYAFYSEQPDFSGHKYGPFGPEMTNPLREIDKTVGQLMDGLKQLRLHRCVNVIFVGDHGMEDVTCDRTEFLSNY
LTNVDDITLVPGTLGRIRAKSINNSKYDPKTIIAALTCKKPDQHFKPYMKQHLPKRLHYANNRRIEDIHLLVDRRWHVAR
KPLDVYKKPSGKCFFQGDHGFDNKVNSMQTVFVGYGPTFKYRTKVPPFENIELYNVMCDLLGLKPAPNNGTHGSLNHLLR
TNTFRPTMPDEVSRPNYPGIMYLQSEFDLGCTCDDKVEPKNKLEELNKRLHTKGSTKERHLLYGRPAVLYRTSYDILYHT
DFESGYSEIFLMPLWTSYTISKQAEVSSIPEHLTNCVRPDVRVSPGFSQNCLAYKNDKQMSYGFLFPPYLSSSPEAKYDA
FLVTNMVPMYPAFKRVWAYFQRVLVKKYASERNGVNVISGPIFDYNYDGLRDTEDEIKQYVEGSSIPVPTHYYSIITSCL
DFTQPADKCDGPLSVSSFILPHRPDNDESCNSSEDESKWVEELMKMHTARVRDIEHLTGLDFYRKTSRSYSEILTLKTYL
HTYESEI
;
_entity_poly.pdbx_strand_id   A
#
loop_
_chem_comp.id
_chem_comp.type
_chem_comp.name
_chem_comp.formula
A1IG0 non-polymer N-(3-(3-((4-(4-fluorophenyl)thiazol-2-yl)(methyl)amino)-6-(1-(methylsulfonyl)piperidin-4-yl)imidazo[1,2-b]pyridazin-2-yl)propyl)-2-oxo-2,3-dihydrobenzo[d]oxazole-6-carboxamide 'C33 H33 F N8 O5 S2'
BMA D-saccharide, beta linking beta-D-mannopyranose 'C6 H12 O6'
CA non-polymer 'CALCIUM ION' 'Ca 2'
GOL non-polymer GLYCEROL 'C3 H8 O3'
IOD non-polymer 'IODIDE ION' 'I -1'
MAN D-saccharide, alpha linking alpha-D-mannopyranose 'C6 H12 O6'
NAG D-saccharide, beta linking 2-acetamido-2-deoxy-beta-D-glucopyranose 'C8 H15 N O6'
SCN non-polymer 'THIOCYANATE ION' 'C N S -1'
ZN non-polymer 'ZINC ION' 'Zn 2'
#
# COMPACT_ATOMS: atom_id res chain seq x y z
N GLY A 1 -44.45 16.63 2.24
CA GLY A 1 -43.62 16.91 1.07
C GLY A 1 -43.49 15.70 0.15
N SER A 2 -43.15 15.98 -1.12
CA SER A 2 -43.02 14.96 -2.15
C SER A 2 -41.59 14.91 -2.69
N CYS A 3 -41.26 13.77 -3.33
CA CYS A 3 -40.02 13.62 -4.07
C CYS A 3 -40.15 13.96 -5.55
N LYS A 4 -41.35 14.34 -5.98
CA LYS A 4 -41.59 14.71 -7.37
C LYS A 4 -40.51 15.70 -7.84
N GLY A 5 -39.79 15.30 -8.89
CA GLY A 5 -38.73 16.12 -9.46
C GLY A 5 -37.48 16.28 -8.59
N ARG A 6 -37.34 15.41 -7.58
CA ARG A 6 -36.26 15.50 -6.61
C ARG A 6 -35.52 14.20 -6.36
N CYS A 7 -35.88 13.12 -7.09
CA CYS A 7 -35.32 11.81 -6.82
C CYS A 7 -33.78 11.85 -6.83
N PHE A 8 -33.18 11.30 -5.76
CA PHE A 8 -31.72 11.25 -5.63
C PHE A 8 -31.11 12.63 -5.83
N GLU A 9 -31.66 13.62 -5.14
CA GLU A 9 -31.18 14.99 -5.23
C GLU A 9 -29.80 15.09 -4.59
N LEU A 10 -28.98 15.99 -5.14
CA LEU A 10 -27.61 16.16 -4.72
C LEU A 10 -27.49 17.20 -3.60
N GLN A 11 -28.25 18.30 -3.70
CA GLN A 11 -28.10 19.40 -2.77
C GLN A 11 -28.74 19.05 -1.43
N GLU A 12 -28.16 19.58 -0.35
CA GLU A 12 -28.57 19.23 1.00
C GLU A 12 -29.91 19.87 1.33
N VAL A 13 -30.82 19.06 1.89
CA VAL A 13 -32.04 19.59 2.48
C VAL A 13 -31.81 19.71 3.98
N GLY A 14 -32.68 20.48 4.64
CA GLY A 14 -32.63 20.63 6.08
C GLY A 14 -33.31 19.46 6.77
N PRO A 15 -33.04 19.24 8.09
CA PRO A 15 -33.83 18.31 8.89
C PRO A 15 -35.33 18.31 8.62
N PRO A 16 -36.04 19.46 8.61
CA PRO A 16 -37.51 19.46 8.53
C PRO A 16 -38.12 18.98 7.21
N ASP A 17 -37.41 19.24 6.09
CA ASP A 17 -37.85 18.79 4.78
C ASP A 17 -37.54 17.30 4.64
N CYS A 18 -38.45 16.56 3.97
CA CYS A 18 -38.28 15.13 3.84
C CYS A 18 -37.23 14.82 2.78
N ARG A 19 -36.48 13.74 3.00
CA ARG A 19 -35.33 13.39 2.19
C ARG A 19 -35.71 12.62 0.94
N CYS A 20 -34.98 12.87 -0.17
CA CYS A 20 -35.12 12.12 -1.41
C CYS A 20 -33.79 11.61 -1.92
N ASP A 21 -32.77 11.60 -1.05
CA ASP A 21 -31.40 11.34 -1.45
C ASP A 21 -31.03 9.85 -1.31
N ASN A 22 -29.82 9.52 -1.79
CA ASN A 22 -29.32 8.15 -1.84
C ASN A 22 -29.40 7.37 -0.54
N LEU A 23 -29.29 8.06 0.60
CA LEU A 23 -29.18 7.40 1.88
C LEU A 23 -30.41 7.59 2.78
N CYS A 24 -31.48 8.18 2.25
CA CYS A 24 -32.64 8.50 3.07
C CYS A 24 -33.33 7.28 3.67
N LYS A 25 -33.09 6.09 3.09
CA LYS A 25 -33.61 4.84 3.64
C LYS A 25 -32.68 4.19 4.68
N SER A 26 -31.44 4.69 4.80
CA SER A 26 -30.48 4.15 5.76
C SER A 26 -30.62 4.81 7.13
N TYR A 27 -31.13 4.04 8.11
CA TYR A 27 -31.32 4.54 9.47
C TYR A 27 -31.94 5.93 9.47
N SER A 28 -32.96 6.10 8.62
CA SER A 28 -33.63 7.38 8.40
C SER A 28 -34.90 7.09 7.62
N SER A 29 -35.66 8.13 7.29
CA SER A 29 -36.81 7.98 6.41
C SER A 29 -36.75 8.97 5.25
N CYS A 30 -37.49 8.65 4.18
CA CYS A 30 -37.61 9.50 3.00
C CYS A 30 -39.00 10.14 3.00
N CYS A 31 -39.27 10.96 1.97
CA CYS A 31 -40.65 11.39 1.71
C CYS A 31 -41.46 10.12 1.46
N HIS A 32 -42.76 10.17 1.77
CA HIS A 32 -43.60 8.99 1.70
C HIS A 32 -43.68 8.42 0.29
N ASP A 33 -43.54 9.28 -0.73
CA ASP A 33 -43.63 8.84 -2.12
C ASP A 33 -42.28 8.52 -2.75
N PHE A 34 -41.22 8.45 -1.94
CA PHE A 34 -39.88 8.14 -2.44
C PHE A 34 -39.84 6.79 -3.15
N ASP A 35 -40.42 5.75 -2.51
CA ASP A 35 -40.42 4.42 -3.11
C ASP A 35 -41.18 4.42 -4.44
N GLU A 36 -42.37 5.03 -4.43
CA GLU A 36 -43.26 5.07 -5.58
C GLU A 36 -42.63 5.80 -6.75
N LEU A 37 -41.95 6.92 -6.47
CA LEU A 37 -41.38 7.77 -7.50
C LEU A 37 -39.94 7.41 -7.85
N CYS A 38 -39.13 7.07 -6.86
CA CYS A 38 -37.69 6.96 -7.07
C CYS A 38 -37.17 5.52 -7.17
N LEU A 39 -37.98 4.55 -6.75
CA LEU A 39 -37.53 3.17 -6.68
C LEU A 39 -38.42 2.24 -7.53
N LYS A 40 -38.77 2.72 -8.73
CA LYS A 40 -39.57 1.94 -9.66
C LYS A 40 -38.78 0.71 -10.11
N THR A 41 -39.46 -0.43 -10.17
CA THR A 41 -38.83 -1.69 -10.53
C THR A 41 -39.56 -2.42 -11.66
N ALA A 42 -40.77 -1.97 -12.02
CA ALA A 42 -41.62 -2.69 -12.95
C ALA A 42 -40.94 -2.93 -14.30
N ARG A 43 -40.94 -4.21 -14.69
CA ARG A 43 -40.49 -4.69 -15.99
C ARG A 43 -38.97 -4.67 -16.16
N GLY A 44 -38.24 -4.47 -15.06
CA GLY A 44 -36.80 -4.66 -15.05
C GLY A 44 -36.03 -3.52 -15.70
N TRP A 45 -34.82 -3.85 -16.17
CA TRP A 45 -33.82 -2.84 -16.50
C TRP A 45 -33.39 -2.86 -17.97
N GLU A 46 -34.01 -3.73 -18.76
CA GLU A 46 -33.62 -3.93 -20.15
C GLU A 46 -34.82 -3.74 -21.06
N CYS A 47 -34.65 -2.91 -22.10
CA CYS A 47 -35.59 -2.89 -23.21
C CYS A 47 -35.54 -4.23 -23.92
N THR A 48 -36.69 -4.67 -24.43
CA THR A 48 -36.80 -5.82 -25.31
C THR A 48 -37.51 -5.36 -26.57
N LYS A 49 -37.37 -6.13 -27.65
CA LYS A 49 -37.89 -5.75 -28.96
C LYS A 49 -39.38 -5.40 -28.88
N ASP A 50 -40.12 -6.16 -28.07
CA ASP A 50 -41.56 -5.95 -27.92
C ASP A 50 -41.95 -4.69 -27.15
N ARG A 51 -41.01 -4.15 -26.36
CA ARG A 51 -41.26 -2.91 -25.63
C ARG A 51 -40.97 -1.64 -26.44
N CYS A 52 -40.29 -1.76 -27.59
CA CYS A 52 -39.91 -0.59 -28.37
C CYS A 52 -41.15 0.16 -28.83
N GLY A 53 -41.24 1.43 -28.43
CA GLY A 53 -42.38 2.26 -28.80
C GLY A 53 -43.66 1.93 -28.04
N GLU A 54 -43.51 1.18 -26.94
CA GLU A 54 -44.61 0.92 -26.01
C GLU A 54 -45.25 2.23 -25.57
N VAL A 55 -46.56 2.21 -25.32
CA VAL A 55 -47.21 3.31 -24.64
C VAL A 55 -46.55 3.47 -23.29
N ARG A 56 -46.23 4.72 -22.92
CA ARG A 56 -45.54 5.02 -21.69
C ARG A 56 -46.39 4.64 -20.49
N ASN A 57 -45.81 3.85 -19.57
CA ASN A 57 -46.41 3.55 -18.29
C ASN A 57 -45.47 4.06 -17.22
N GLU A 58 -45.94 4.99 -16.38
CA GLU A 58 -45.10 5.67 -15.42
C GLU A 58 -44.63 4.77 -14.28
N GLU A 59 -45.14 3.53 -14.22
CA GLU A 59 -44.66 2.55 -13.26
C GLU A 59 -43.34 1.88 -13.64
N ASN A 60 -42.95 1.96 -14.92
CA ASN A 60 -41.79 1.24 -15.40
C ASN A 60 -40.51 1.77 -14.76
N ALA A 61 -39.56 0.85 -14.50
CA ALA A 61 -38.25 1.20 -13.96
C ALA A 61 -37.45 2.07 -14.92
N CYS A 62 -37.54 1.76 -16.22
CA CYS A 62 -36.97 2.56 -17.28
C CYS A 62 -37.84 2.38 -18.51
N HIS A 63 -37.64 3.22 -19.52
CA HIS A 63 -38.61 3.32 -20.61
C HIS A 63 -38.02 2.99 -21.98
N CYS A 64 -38.88 2.41 -22.82
CA CYS A 64 -38.53 2.04 -24.18
C CYS A 64 -39.44 2.73 -25.18
N SER A 65 -40.31 3.63 -24.69
CA SER A 65 -41.05 4.54 -25.53
C SER A 65 -40.06 5.56 -26.12
N GLU A 66 -40.40 6.08 -27.30
CA GLU A 66 -39.49 6.94 -28.03
C GLU A 66 -39.29 8.28 -27.34
N ASP A 67 -40.24 8.67 -26.48
CA ASP A 67 -40.09 9.86 -25.67
C ASP A 67 -39.02 9.75 -24.58
N CYS A 68 -38.46 8.55 -24.37
CA CYS A 68 -37.57 8.32 -23.24
C CYS A 68 -36.29 9.16 -23.30
N LEU A 69 -35.77 9.40 -24.52
CA LEU A 69 -34.60 10.24 -24.69
C LEU A 69 -34.88 11.67 -24.23
N SER A 70 -36.03 12.21 -24.62
CA SER A 70 -36.39 13.57 -24.24
C SER A 70 -36.74 13.68 -22.76
N ARG A 71 -37.21 12.58 -22.17
CA ARG A 71 -37.55 12.52 -20.75
C ARG A 71 -36.35 12.15 -19.88
N GLY A 72 -35.30 11.59 -20.51
CA GLY A 72 -34.08 11.24 -19.81
C GLY A 72 -34.20 9.97 -18.95
N ASP A 73 -35.08 9.05 -19.35
CA ASP A 73 -35.35 7.86 -18.55
C ASP A 73 -35.39 6.56 -19.36
N CYS A 74 -34.64 6.52 -20.47
CA CYS A 74 -34.47 5.29 -21.24
C CYS A 74 -33.77 4.24 -20.39
N CYS A 75 -34.04 2.96 -20.69
CA CYS A 75 -33.15 1.89 -20.26
C CYS A 75 -31.82 2.07 -20.98
N THR A 76 -30.73 1.61 -20.35
CA THR A 76 -29.40 1.85 -20.90
C THR A 76 -29.22 1.24 -22.29
N ASN A 77 -30.01 0.20 -22.62
CA ASN A 77 -29.88 -0.47 -23.91
C ASN A 77 -30.95 -0.06 -24.93
N TYR A 78 -31.67 1.04 -24.65
CA TYR A 78 -32.77 1.47 -25.51
C TYR A 78 -32.33 1.64 -26.96
N GLN A 79 -31.28 2.43 -27.20
CA GLN A 79 -30.85 2.72 -28.55
C GLN A 79 -30.32 1.48 -29.27
N VAL A 80 -29.82 0.50 -28.50
CA VAL A 80 -29.35 -0.75 -29.08
C VAL A 80 -30.53 -1.58 -29.58
N VAL A 81 -31.51 -1.78 -28.70
CA VAL A 81 -32.62 -2.66 -28.98
C VAL A 81 -33.58 -2.01 -29.97
N CYS A 82 -33.80 -0.70 -29.83
CA CYS A 82 -34.86 -0.02 -30.56
C CYS A 82 -34.40 0.86 -31.73
N LYS A 83 -33.15 1.31 -31.73
CA LYS A 83 -32.69 2.26 -32.74
C LYS A 83 -31.46 1.79 -33.53
N GLY A 84 -31.20 0.48 -33.51
CA GLY A 84 -30.13 -0.11 -34.30
C GLY A 84 -28.72 0.38 -33.98
N GLU A 85 -28.48 0.77 -32.73
CA GLU A 85 -27.12 1.13 -32.34
C GLU A 85 -26.44 -0.12 -31.80
N SER A 86 -25.10 -0.13 -31.87
CA SER A 86 -24.31 -1.24 -31.36
C SER A 86 -24.10 -1.07 -29.86
N HIS A 87 -24.05 -2.18 -29.14
CA HIS A 87 -23.49 -2.19 -27.79
C HIS A 87 -22.10 -1.58 -27.85
N TRP A 88 -21.73 -0.81 -26.81
CA TRP A 88 -20.40 -0.25 -26.71
C TRP A 88 -19.34 -1.34 -26.88
N VAL A 89 -19.56 -2.49 -26.25
CA VAL A 89 -18.57 -3.56 -26.27
C VAL A 89 -18.38 -4.16 -27.67
N ASP A 90 -19.37 -3.98 -28.56
CA ASP A 90 -19.26 -4.51 -29.92
C ASP A 90 -18.54 -3.56 -30.87
N ASP A 91 -18.19 -2.37 -30.39
CA ASP A 91 -17.43 -1.41 -31.17
C ASP A 91 -15.94 -1.65 -30.97
N ASP A 92 -15.19 -1.66 -32.07
CA ASP A 92 -13.74 -1.74 -31.96
C ASP A 92 -13.25 -0.48 -31.27
N CYS A 93 -12.17 -0.64 -30.51
CA CYS A 93 -11.58 0.48 -29.79
C CYS A 93 -10.91 1.44 -30.76
N GLU A 94 -11.15 2.73 -30.52
CA GLU A 94 -10.41 3.78 -31.19
C GLU A 94 -9.84 4.66 -30.09
N GLU A 95 -8.56 5.00 -30.24
CA GLU A 95 -7.88 5.88 -29.31
C GLU A 95 -8.68 7.16 -29.10
N ILE A 96 -8.86 7.54 -27.84
CA ILE A 96 -9.46 8.82 -27.51
C ILE A 96 -8.30 9.81 -27.40
N LYS A 97 -8.01 10.49 -28.51
CA LYS A 97 -6.86 11.37 -28.60
C LYS A 97 -7.13 12.67 -27.87
N VAL A 98 -8.42 13.05 -27.80
CA VAL A 98 -8.85 14.25 -27.11
C VAL A 98 -10.21 13.96 -26.47
N PRO A 99 -10.59 14.61 -25.35
CA PRO A 99 -11.93 14.42 -24.79
C PRO A 99 -12.99 14.89 -25.78
N GLU A 100 -13.99 14.03 -26.02
CA GLU A 100 -15.11 14.35 -26.87
C GLU A 100 -16.33 14.59 -25.98
N CYS A 101 -16.41 15.81 -25.41
CA CYS A 101 -17.39 16.18 -24.41
C CYS A 101 -18.29 17.29 -24.95
N PRO A 102 -19.56 17.40 -24.48
CA PRO A 102 -20.40 18.55 -24.80
C PRO A 102 -19.79 19.87 -24.32
N ALA A 103 -20.20 20.97 -24.96
CA ALA A 103 -19.86 22.30 -24.48
C ALA A 103 -20.40 22.45 -23.06
N GLY A 104 -19.64 23.12 -22.20
CA GLY A 104 -20.01 23.28 -20.80
C GLY A 104 -19.34 22.27 -19.87
N PHE A 105 -18.73 21.22 -20.44
CA PHE A 105 -17.88 20.32 -19.70
C PHE A 105 -16.49 20.91 -19.58
N VAL A 106 -16.14 21.39 -18.38
CA VAL A 106 -14.86 22.04 -18.15
C VAL A 106 -13.74 20.99 -18.08
N ARG A 107 -14.12 19.76 -17.71
CA ARG A 107 -13.18 18.65 -17.57
C ARG A 107 -13.91 17.35 -17.88
N PRO A 108 -13.19 16.28 -18.31
CA PRO A 108 -13.82 14.96 -18.40
C PRO A 108 -14.34 14.56 -17.02
N PRO A 109 -15.61 14.11 -16.89
CA PRO A 109 -16.05 13.47 -15.65
C PRO A 109 -15.22 12.22 -15.33
N LEU A 110 -15.13 11.94 -14.02
CA LEU A 110 -14.50 10.72 -13.52
C LEU A 110 -15.57 9.83 -12.90
N ILE A 111 -15.67 8.60 -13.41
CA ILE A 111 -16.51 7.58 -12.81
C ILE A 111 -15.62 6.48 -12.24
N ILE A 112 -15.75 6.24 -10.93
CA ILE A 112 -15.01 5.19 -10.25
C ILE A 112 -15.94 4.00 -10.05
N PHE A 113 -15.60 2.89 -10.69
CA PHE A 113 -16.36 1.66 -10.58
C PHE A 113 -15.55 0.68 -9.72
N SER A 114 -15.91 0.58 -8.43
CA SER A 114 -15.16 -0.27 -7.51
C SER A 114 -15.88 -1.59 -7.33
N VAL A 115 -15.11 -2.68 -7.39
CA VAL A 115 -15.61 -4.02 -7.22
C VAL A 115 -14.95 -4.63 -5.99
N ASP A 116 -15.75 -5.30 -5.18
CA ASP A 116 -15.27 -5.86 -3.93
C ASP A 116 -14.77 -7.28 -4.14
N GLY A 117 -13.54 -7.56 -3.68
CA GLY A 117 -13.02 -8.92 -3.67
C GLY A 117 -12.63 -9.44 -5.06
N PHE A 118 -12.31 -8.53 -5.97
CA PHE A 118 -11.99 -8.89 -7.35
C PHE A 118 -10.49 -9.21 -7.44
N ARG A 119 -10.17 -10.51 -7.36
CA ARG A 119 -8.83 -11.00 -7.60
C ARG A 119 -8.30 -10.57 -8.96
N ALA A 120 -7.03 -10.17 -9.00
CA ALA A 120 -6.32 -9.89 -10.24
C ALA A 120 -6.45 -11.00 -11.27
N SER A 121 -6.39 -12.26 -10.79
CA SER A 121 -6.42 -13.41 -11.67
C SER A 121 -7.77 -13.66 -12.36
N TYR A 122 -8.85 -13.04 -11.87
CA TYR A 122 -10.15 -13.16 -12.51
C TYR A 122 -10.14 -12.61 -13.95
N MET A 123 -9.24 -11.65 -14.21
CA MET A 123 -9.09 -11.10 -15.55
C MET A 123 -8.66 -12.15 -16.58
N LYS A 124 -8.12 -13.28 -16.12
CA LYS A 124 -7.86 -14.43 -16.96
C LYS A 124 -9.11 -14.96 -17.65
N LYS A 125 -10.27 -14.79 -17.01
CA LYS A 125 -11.53 -15.29 -17.56
C LYS A 125 -11.83 -14.73 -18.95
N GLY A 126 -11.43 -13.47 -19.19
CA GLY A 126 -11.41 -12.91 -20.53
C GLY A 126 -12.79 -12.51 -21.07
N SER A 127 -12.85 -12.27 -22.38
CA SER A 127 -14.08 -11.85 -23.03
C SER A 127 -15.18 -12.92 -22.97
N LYS A 128 -14.76 -14.18 -22.83
CA LYS A 128 -15.66 -15.30 -22.57
C LYS A 128 -16.70 -14.98 -21.49
N VAL A 129 -16.24 -14.37 -20.39
CA VAL A 129 -17.07 -14.11 -19.23
C VAL A 129 -17.36 -12.63 -19.04
N MET A 130 -16.37 -11.77 -19.30
CA MET A 130 -16.47 -10.36 -18.98
C MET A 130 -16.07 -9.49 -20.18
N PRO A 131 -16.85 -9.52 -21.29
CA PRO A 131 -16.47 -8.78 -22.50
C PRO A 131 -16.31 -7.27 -22.33
N ASN A 132 -17.19 -6.64 -21.55
CA ASN A 132 -17.11 -5.21 -21.31
C ASN A 132 -15.85 -4.81 -20.54
N ILE A 133 -15.58 -5.55 -19.44
CA ILE A 133 -14.39 -5.33 -18.64
C ILE A 133 -13.14 -5.60 -19.46
N GLU A 134 -13.18 -6.66 -20.28
CA GLU A 134 -12.06 -7.00 -21.13
C GLU A 134 -11.75 -5.88 -22.13
N LYS A 135 -12.78 -5.21 -22.64
CA LYS A 135 -12.57 -4.09 -23.55
C LYS A 135 -11.94 -2.91 -22.81
N LEU A 136 -12.46 -2.55 -21.63
CA LEU A 136 -11.87 -1.47 -20.85
C LEU A 136 -10.39 -1.76 -20.61
N ARG A 137 -10.10 -3.00 -20.19
CA ARG A 137 -8.76 -3.41 -19.83
C ARG A 137 -7.81 -3.35 -21.02
N SER A 138 -8.19 -3.97 -22.13
CA SER A 138 -7.29 -4.11 -23.26
C SER A 138 -7.11 -2.79 -24.02
N CYS A 139 -8.13 -1.93 -23.97
CA CYS A 139 -8.09 -0.69 -24.74
C CYS A 139 -7.64 0.50 -23.90
N GLY A 140 -7.75 0.37 -22.58
CA GLY A 140 -7.33 1.42 -21.67
C GLY A 140 -5.92 1.20 -21.13
N THR A 141 -5.68 1.76 -19.95
CA THR A 141 -4.45 1.58 -19.22
C THR A 141 -4.75 0.56 -18.13
N HIS A 142 -3.91 -0.47 -18.01
CA HIS A 142 -4.11 -1.49 -17.00
C HIS A 142 -2.79 -1.93 -16.39
N ALA A 143 -2.86 -2.37 -15.13
CA ALA A 143 -1.75 -3.01 -14.46
C ALA A 143 -2.07 -4.50 -14.34
N PRO A 144 -1.04 -5.39 -14.24
CA PRO A 144 -1.27 -6.81 -14.01
C PRO A 144 -2.06 -7.05 -12.72
N TYR A 145 -1.75 -6.22 -11.72
CA TYR A 145 -2.47 -6.21 -10.47
C TYR A 145 -2.17 -4.91 -9.76
N MET A 146 -3.02 -4.57 -8.78
CA MET A 146 -2.78 -3.48 -7.86
C MET A 146 -2.68 -4.06 -6.46
N ARG A 147 -1.72 -3.56 -5.68
CA ARG A 147 -1.50 -4.05 -4.33
C ARG A 147 -2.42 -3.30 -3.38
N PRO A 148 -3.23 -4.01 -2.56
CA PRO A 148 -4.06 -3.36 -1.55
C PRO A 148 -3.20 -2.96 -0.35
N VAL A 149 -3.84 -2.31 0.64
CA VAL A 149 -3.19 -2.06 1.92
C VAL A 149 -3.56 -3.19 2.86
N TYR A 150 -2.74 -3.33 3.91
CA TYR A 150 -3.01 -4.24 5.00
C TYR A 150 -3.80 -3.51 6.07
N PRO A 151 -4.82 -4.13 6.71
CA PRO A 151 -5.28 -5.47 6.34
C PRO A 151 -6.08 -5.45 5.04
N THR A 152 -6.06 -6.58 4.32
CA THR A 152 -6.68 -6.65 3.00
C THR A 152 -8.18 -6.91 3.20
N LYS A 153 -8.82 -5.94 3.86
CA LYS A 153 -10.24 -5.92 4.16
C LYS A 153 -10.88 -4.77 3.39
N THR A 154 -12.21 -4.77 3.31
CA THR A 154 -12.95 -3.82 2.48
C THR A 154 -12.82 -2.36 2.89
N PHE A 155 -13.22 -2.06 4.13
CA PHE A 155 -13.31 -0.68 4.57
C PHE A 155 -11.94 -0.01 4.62
N PRO A 156 -10.88 -0.65 5.16
CA PRO A 156 -9.55 -0.05 5.12
C PRO A 156 -9.11 0.28 3.69
N ASN A 157 -9.36 -0.65 2.75
CA ASN A 157 -8.94 -0.46 1.38
C ASN A 157 -9.79 0.55 0.61
N LEU A 158 -11.11 0.50 0.78
CA LEU A 158 -11.95 1.50 0.16
C LEU A 158 -11.57 2.91 0.62
N TYR A 159 -11.32 3.07 1.93
CA TYR A 159 -11.04 4.40 2.44
C TYR A 159 -9.62 4.82 2.09
N THR A 160 -8.71 3.84 1.91
CA THR A 160 -7.39 4.13 1.39
C THR A 160 -7.49 4.64 -0.05
N LEU A 161 -8.31 3.99 -0.87
CA LEU A 161 -8.51 4.44 -2.24
C LEU A 161 -9.02 5.87 -2.22
N ALA A 162 -9.91 6.18 -1.26
CA ALA A 162 -10.55 7.48 -1.17
C ALA A 162 -9.63 8.61 -0.69
N THR A 163 -8.61 8.28 0.10
CA THR A 163 -7.82 9.29 0.81
C THR A 163 -6.33 9.32 0.46
N GLY A 164 -5.83 8.26 -0.17
CA GLY A 164 -4.41 8.11 -0.41
C GLY A 164 -3.58 7.82 0.85
N LEU A 165 -4.26 7.42 1.94
CA LEU A 165 -3.59 7.22 3.20
C LEU A 165 -3.56 5.77 3.66
N TYR A 166 -2.50 5.41 4.37
CA TYR A 166 -2.45 4.15 5.10
C TYR A 166 -3.57 4.13 6.13
N PRO A 167 -4.17 2.94 6.38
CA PRO A 167 -5.16 2.79 7.46
C PRO A 167 -4.77 3.42 8.79
N GLU A 168 -3.51 3.30 9.19
CA GLU A 168 -3.06 3.88 10.45
C GLU A 168 -3.30 5.39 10.48
N SER A 169 -3.24 6.03 9.30
CA SER A 169 -3.45 7.46 9.19
C SER A 169 -4.91 7.87 8.98
N HIS A 170 -5.67 7.16 8.16
CA HIS A 170 -7.07 7.51 7.95
C HIS A 170 -8.01 7.00 9.05
N GLY A 171 -7.58 5.98 9.79
CA GLY A 171 -8.25 5.57 11.01
C GLY A 171 -9.11 4.31 10.89
N ILE A 172 -9.39 3.89 9.65
CA ILE A 172 -10.16 2.70 9.41
C ILE A 172 -9.19 1.52 9.32
N VAL A 173 -8.79 1.02 10.48
CA VAL A 173 -7.71 0.05 10.59
C VAL A 173 -8.24 -1.38 10.47
N GLY A 174 -9.57 -1.52 10.40
CA GLY A 174 -10.20 -2.80 10.16
C GLY A 174 -11.67 -2.61 9.81
N ASN A 175 -12.33 -3.72 9.42
CA ASN A 175 -13.78 -3.75 9.30
C ASN A 175 -14.41 -3.72 10.69
N SER A 176 -13.68 -4.23 11.69
CA SER A 176 -14.03 -4.10 13.09
C SER A 176 -12.89 -3.41 13.81
N MET A 177 -13.23 -2.49 14.71
CA MET A 177 -12.24 -1.78 15.51
C MET A 177 -12.82 -1.42 16.87
N TYR A 178 -11.92 -1.26 17.85
CA TYR A 178 -12.26 -0.65 19.11
C TYR A 178 -11.39 0.58 19.30
N ASP A 179 -12.02 1.72 19.61
CA ASP A 179 -11.28 2.93 19.88
C ASP A 179 -11.35 3.21 21.38
N PRO A 180 -10.20 3.13 22.11
CA PRO A 180 -10.22 3.28 23.57
C PRO A 180 -10.47 4.70 24.07
N VAL A 181 -10.32 5.70 23.20
CA VAL A 181 -10.66 7.07 23.53
C VAL A 181 -12.17 7.30 23.44
N PHE A 182 -12.81 6.79 22.38
CA PHE A 182 -14.26 6.80 22.30
C PHE A 182 -14.87 5.80 23.28
N ASP A 183 -14.10 4.74 23.59
CA ASP A 183 -14.62 3.57 24.27
C ASP A 183 -15.84 3.05 23.52
N ALA A 184 -15.64 2.83 22.22
CA ALA A 184 -16.72 2.43 21.33
C ALA A 184 -16.12 1.53 20.25
N SER A 185 -16.96 0.67 19.69
CA SER A 185 -16.56 -0.26 18.64
C SER A 185 -17.18 0.13 17.30
N PHE A 186 -16.42 -0.16 16.24
CA PHE A 186 -16.87 0.03 14.86
C PHE A 186 -17.07 -1.35 14.25
N HIS A 187 -18.20 -1.53 13.57
CA HIS A 187 -18.48 -2.74 12.81
C HIS A 187 -19.15 -2.35 11.51
N LEU A 188 -19.21 -3.31 10.57
CA LEU A 188 -19.86 -3.11 9.28
C LEU A 188 -21.37 -3.13 9.42
N ARG A 189 -21.90 -4.08 10.20
CA ARG A 189 -23.32 -4.12 10.52
C ARG A 189 -23.63 -2.95 11.44
N GLY A 190 -24.82 -2.37 11.29
CA GLY A 190 -25.27 -1.29 12.15
C GLY A 190 -24.92 0.06 11.56
N ARG A 191 -24.99 1.09 12.40
CA ARG A 191 -24.97 2.48 11.95
C ARG A 191 -23.67 3.23 12.27
N GLU A 192 -22.69 2.56 12.90
CA GLU A 192 -21.45 3.23 13.27
C GLU A 192 -20.72 3.76 12.04
N LYS A 193 -20.75 3.00 10.94
CA LYS A 193 -20.10 3.41 9.71
C LYS A 193 -20.57 4.78 9.21
N PHE A 194 -21.77 5.21 9.62
CA PHE A 194 -22.27 6.52 9.23
C PHE A 194 -21.82 7.64 10.16
N ASN A 195 -21.25 7.28 11.31
CA ASN A 195 -20.78 8.26 12.27
C ASN A 195 -19.42 8.79 11.81
N HIS A 196 -19.34 10.13 11.67
CA HIS A 196 -18.17 10.75 11.06
C HIS A 196 -16.91 10.66 11.92
N ARG A 197 -17.06 10.34 13.22
CA ARG A 197 -15.94 10.34 14.15
C ARG A 197 -14.83 9.34 13.79
N TRP A 198 -15.18 8.30 13.00
CA TRP A 198 -14.24 7.24 12.67
C TRP A 198 -13.27 7.61 11.53
N TRP A 199 -13.72 8.51 10.65
CA TRP A 199 -13.11 8.68 9.35
C TRP A 199 -12.16 9.88 9.33
N GLY A 200 -10.85 9.62 9.24
CA GLY A 200 -9.85 10.66 9.19
C GLY A 200 -9.45 11.02 7.76
N GLY A 201 -8.34 11.76 7.62
CA GLY A 201 -7.88 12.19 6.31
C GLY A 201 -8.91 13.06 5.60
N GLN A 202 -8.77 13.14 4.27
CA GLN A 202 -9.67 13.94 3.47
C GLN A 202 -10.00 13.13 2.22
N PRO A 203 -11.17 12.45 2.18
CA PRO A 203 -11.53 11.63 1.02
C PRO A 203 -11.81 12.49 -0.21
N LEU A 204 -11.75 11.85 -1.38
CA LEU A 204 -11.82 12.54 -2.66
C LEU A 204 -13.04 13.45 -2.79
N TRP A 205 -14.19 12.99 -2.28
CA TRP A 205 -15.43 13.74 -2.40
C TRP A 205 -15.40 15.03 -1.58
N ILE A 206 -14.68 15.02 -0.46
CA ILE A 206 -14.45 16.22 0.33
C ILE A 206 -13.43 17.12 -0.38
N THR A 207 -12.33 16.53 -0.88
CA THR A 207 -11.33 17.30 -1.59
C THR A 207 -11.99 18.04 -2.75
N ALA A 208 -12.81 17.30 -3.50
CA ALA A 208 -13.56 17.85 -4.62
C ALA A 208 -14.43 19.02 -4.19
N THR A 209 -15.29 18.79 -3.18
CA THR A 209 -16.21 19.80 -2.71
C THR A 209 -15.48 21.06 -2.25
N LYS A 210 -14.44 20.90 -1.45
CA LYS A 210 -13.74 22.05 -0.87
C LYS A 210 -13.07 22.91 -1.93
N GLN A 211 -12.78 22.33 -3.10
CA GLN A 211 -12.17 23.07 -4.19
C GLN A 211 -13.17 23.40 -5.29
N GLY A 212 -14.46 23.36 -4.95
CA GLY A 212 -15.51 23.79 -5.87
C GLY A 212 -15.85 22.82 -6.99
N VAL A 213 -15.44 21.55 -6.84
CA VAL A 213 -15.78 20.51 -7.80
C VAL A 213 -16.88 19.66 -7.17
N ARG A 214 -17.95 19.45 -7.94
CA ARG A 214 -19.17 18.84 -7.41
C ARG A 214 -19.07 17.33 -7.47
N ALA A 215 -19.43 16.66 -6.37
CA ALA A 215 -19.35 15.21 -6.28
C ALA A 215 -20.76 14.60 -6.26
N GLY A 216 -20.91 13.48 -6.98
CA GLY A 216 -22.07 12.62 -6.83
C GLY A 216 -21.94 11.89 -5.49
N THR A 217 -23.06 11.65 -4.81
CA THR A 217 -23.05 10.88 -3.58
C THR A 217 -22.44 9.52 -3.89
N PHE A 218 -21.42 9.15 -3.11
CA PHE A 218 -20.68 7.91 -3.32
C PHE A 218 -21.39 6.73 -2.67
N PHE A 219 -22.39 7.02 -1.83
CA PHE A 219 -22.99 6.02 -0.95
C PHE A 219 -24.47 5.83 -1.29
N TRP A 220 -24.93 4.59 -1.18
CA TRP A 220 -26.30 4.23 -1.50
C TRP A 220 -26.86 3.36 -0.38
N SER A 221 -28.14 3.55 -0.05
CA SER A 221 -28.82 2.64 0.84
C SER A 221 -28.79 1.24 0.21
N VAL A 222 -28.62 0.22 1.05
CA VAL A 222 -28.45 -1.15 0.59
C VAL A 222 -29.63 -1.63 -0.26
N SER A 223 -30.83 -1.11 0.04
CA SER A 223 -32.03 -1.52 -0.67
C SER A 223 -32.11 -1.02 -2.12
N ILE A 224 -31.32 0.00 -2.48
CA ILE A 224 -31.33 0.53 -3.84
C ILE A 224 -30.56 -0.40 -4.77
N PRO A 225 -31.23 -1.04 -5.76
CA PRO A 225 -30.54 -2.00 -6.61
C PRO A 225 -29.47 -1.35 -7.50
N HIS A 226 -28.49 -2.15 -7.90
CA HIS A 226 -27.35 -1.70 -8.68
C HIS A 226 -27.78 -0.97 -9.96
N GLU A 227 -28.78 -1.52 -10.65
CA GLU A 227 -29.21 -0.97 -11.93
C GLU A 227 -29.78 0.44 -11.77
N ARG A 228 -30.46 0.69 -10.63
CA ARG A 228 -30.97 2.00 -10.30
C ARG A 228 -29.83 2.99 -10.04
N ARG A 229 -28.74 2.49 -9.43
CA ARG A 229 -27.58 3.31 -9.15
C ARG A 229 -26.94 3.78 -10.46
N ILE A 230 -26.79 2.85 -11.42
CA ILE A 230 -26.23 3.17 -12.72
C ILE A 230 -27.10 4.19 -13.46
N LEU A 231 -28.41 3.95 -13.48
CA LEU A 231 -29.33 4.87 -14.13
C LEU A 231 -29.28 6.25 -13.48
N THR A 232 -29.16 6.31 -12.15
CA THR A 232 -29.04 7.58 -11.45
C THR A 232 -27.76 8.33 -11.82
N ILE A 233 -26.62 7.62 -11.86
CA ILE A 233 -25.37 8.21 -12.30
C ILE A 233 -25.54 8.83 -13.69
N LEU A 234 -26.11 8.07 -14.62
CA LEU A 234 -26.31 8.54 -15.98
C LEU A 234 -27.24 9.76 -16.02
N GLN A 235 -28.28 9.74 -15.18
CA GLN A 235 -29.23 10.84 -15.12
C GLN A 235 -28.54 12.07 -14.56
N TRP A 236 -27.76 11.92 -13.48
CA TRP A 236 -26.97 13.03 -12.97
C TRP A 236 -26.07 13.64 -14.04
N LEU A 237 -25.51 12.80 -14.92
CA LEU A 237 -24.62 13.27 -15.96
C LEU A 237 -25.32 14.16 -17.00
N SER A 238 -26.64 14.04 -17.09
CA SER A 238 -27.44 14.83 -18.03
C SER A 238 -27.99 16.13 -17.41
N LEU A 239 -27.66 16.38 -16.13
CA LEU A 239 -27.99 17.64 -15.49
C LEU A 239 -27.26 18.81 -16.15
N PRO A 240 -27.77 20.05 -16.04
CA PRO A 240 -27.09 21.21 -16.60
C PRO A 240 -25.78 21.47 -15.86
N ASP A 241 -24.86 22.18 -16.51
CA ASP A 241 -23.49 22.31 -16.02
C ASP A 241 -23.36 22.98 -14.66
N ASN A 242 -24.39 23.73 -14.23
CA ASN A 242 -24.38 24.34 -12.91
C ASN A 242 -24.85 23.40 -11.80
N GLU A 243 -25.27 22.18 -12.17
CA GLU A 243 -25.70 21.19 -11.19
C GLU A 243 -24.99 19.84 -11.31
N ARG A 244 -24.39 19.57 -12.48
CA ARG A 244 -23.87 18.26 -12.80
C ARG A 244 -22.56 17.95 -12.06
N PRO A 245 -22.44 16.80 -11.36
CA PRO A 245 -21.17 16.43 -10.73
C PRO A 245 -20.08 16.12 -11.74
N SER A 246 -18.83 16.27 -11.30
CA SER A 246 -17.66 15.91 -12.11
C SER A 246 -17.09 14.56 -11.71
N VAL A 247 -17.49 14.02 -10.56
CA VAL A 247 -17.01 12.74 -10.09
C VAL A 247 -18.16 11.90 -9.54
N TYR A 248 -18.08 10.59 -9.80
CA TYR A 248 -19.13 9.64 -9.48
C TYR A 248 -18.49 8.34 -9.00
N ALA A 249 -19.23 7.62 -8.16
CA ALA A 249 -18.77 6.34 -7.65
C ALA A 249 -19.91 5.33 -7.73
N PHE A 250 -19.58 4.15 -8.24
CA PHE A 250 -20.43 2.97 -8.15
C PHE A 250 -19.60 1.90 -7.45
N TYR A 251 -20.21 1.23 -6.47
N TYR A 251 -20.19 1.23 -6.46
CA TYR A 251 -19.57 0.12 -5.78
CA TYR A 251 -19.53 0.11 -5.81
C TYR A 251 -20.42 -1.14 -5.85
C TYR A 251 -20.41 -1.14 -5.82
N SER A 252 -19.78 -2.28 -6.12
CA SER A 252 -20.42 -3.58 -6.10
C SER A 252 -19.79 -4.45 -5.00
N GLU A 253 -20.65 -5.17 -4.27
CA GLU A 253 -20.18 -6.06 -3.22
C GLU A 253 -19.75 -7.39 -3.82
N GLN A 254 -20.03 -7.57 -5.13
CA GLN A 254 -19.55 -8.73 -5.86
C GLN A 254 -18.22 -8.38 -6.51
N PRO A 255 -17.31 -9.36 -6.78
CA PRO A 255 -17.55 -10.78 -6.50
C PRO A 255 -17.24 -11.28 -5.10
N ASP A 256 -17.03 -10.38 -4.14
CA ASP A 256 -16.62 -10.75 -2.80
C ASP A 256 -17.60 -11.71 -2.14
N PHE A 257 -18.89 -11.36 -2.18
CA PHE A 257 -19.93 -12.11 -1.50
C PHE A 257 -19.91 -13.58 -1.93
N SER A 258 -19.91 -13.82 -3.25
CA SER A 258 -19.83 -15.16 -3.79
C SER A 258 -18.50 -15.83 -3.47
N GLY A 259 -17.43 -15.03 -3.50
CA GLY A 259 -16.08 -15.49 -3.16
C GLY A 259 -16.00 -16.12 -1.78
N HIS A 260 -16.62 -15.49 -0.78
CA HIS A 260 -16.65 -16.03 0.57
C HIS A 260 -17.38 -17.39 0.60
N LYS A 261 -18.49 -17.46 -0.12
CA LYS A 261 -19.35 -18.64 -0.09
C LYS A 261 -18.69 -19.83 -0.82
N TYR A 262 -18.17 -19.57 -2.02
CA TYR A 262 -17.74 -20.63 -2.91
C TYR A 262 -16.23 -20.71 -3.10
N GLY A 263 -15.48 -19.80 -2.46
CA GLY A 263 -14.06 -19.72 -2.69
C GLY A 263 -13.73 -19.06 -4.02
N PRO A 264 -12.47 -18.58 -4.21
CA PRO A 264 -12.12 -17.80 -5.41
C PRO A 264 -12.14 -18.57 -6.73
N PHE A 265 -12.00 -19.91 -6.66
CA PHE A 265 -11.87 -20.73 -7.86
C PHE A 265 -13.09 -21.61 -8.10
N GLY A 266 -14.15 -21.43 -7.30
CA GLY A 266 -15.35 -22.22 -7.44
C GLY A 266 -16.04 -22.01 -8.78
N PRO A 267 -16.66 -23.05 -9.38
CA PRO A 267 -17.37 -22.87 -10.65
C PRO A 267 -18.50 -21.86 -10.53
N GLU A 268 -18.98 -21.64 -9.30
CA GLU A 268 -20.07 -20.73 -9.04
C GLU A 268 -19.70 -19.26 -9.23
N MET A 269 -18.40 -18.98 -9.42
CA MET A 269 -17.91 -17.61 -9.51
C MET A 269 -18.15 -16.99 -10.88
N THR A 270 -18.35 -17.82 -11.91
CA THR A 270 -18.53 -17.33 -13.27
C THR A 270 -19.75 -16.42 -13.33
N ASN A 271 -20.86 -16.86 -12.74
CA ASN A 271 -22.10 -16.10 -12.76
C ASN A 271 -21.96 -14.68 -12.21
N PRO A 272 -21.49 -14.48 -10.95
CA PRO A 272 -21.28 -13.12 -10.44
C PRO A 272 -20.36 -12.26 -11.31
N LEU A 273 -19.31 -12.86 -11.87
CA LEU A 273 -18.43 -12.10 -12.75
C LEU A 273 -19.18 -11.63 -13.99
N ARG A 274 -20.03 -12.50 -14.56
CA ARG A 274 -20.88 -12.11 -15.67
C ARG A 274 -21.80 -10.94 -15.29
N GLU A 275 -22.37 -10.99 -14.09
CA GLU A 275 -23.32 -9.97 -13.65
C GLU A 275 -22.63 -8.62 -13.45
N ILE A 276 -21.40 -8.64 -12.92
CA ILE A 276 -20.60 -7.43 -12.82
C ILE A 276 -20.36 -6.89 -14.22
N ASP A 277 -20.02 -7.78 -15.17
CA ASP A 277 -19.77 -7.34 -16.52
C ASP A 277 -21.02 -6.72 -17.15
N LYS A 278 -22.19 -7.31 -16.89
CA LYS A 278 -23.44 -6.75 -17.40
C LYS A 278 -23.63 -5.31 -16.89
N THR A 279 -23.28 -5.09 -15.61
CA THR A 279 -23.43 -3.77 -15.00
C THR A 279 -22.49 -2.75 -15.64
N VAL A 280 -21.28 -3.20 -16.00
CA VAL A 280 -20.34 -2.35 -16.70
C VAL A 280 -20.92 -2.03 -18.08
N GLY A 281 -21.45 -3.05 -18.75
CA GLY A 281 -22.09 -2.88 -20.04
C GLY A 281 -23.24 -1.88 -20.00
N GLN A 282 -24.02 -1.92 -18.92
CA GLN A 282 -25.11 -0.97 -18.73
C GLN A 282 -24.54 0.44 -18.65
N LEU A 283 -23.47 0.62 -17.88
CA LEU A 283 -22.86 1.93 -17.73
C LEU A 283 -22.30 2.42 -19.05
N MET A 284 -21.57 1.57 -19.77
CA MET A 284 -20.94 1.98 -21.02
C MET A 284 -21.97 2.20 -22.11
N ASP A 285 -22.99 1.33 -22.19
CA ASP A 285 -24.06 1.52 -23.16
C ASP A 285 -24.81 2.81 -22.84
N GLY A 286 -25.03 3.06 -21.55
CA GLY A 286 -25.65 4.29 -21.10
C GLY A 286 -24.84 5.52 -21.46
N LEU A 287 -23.52 5.47 -21.24
CA LEU A 287 -22.66 6.58 -21.64
C LEU A 287 -22.71 6.79 -23.15
N LYS A 288 -22.70 5.70 -23.92
CA LYS A 288 -22.75 5.80 -25.37
C LYS A 288 -24.06 6.43 -25.83
N GLN A 289 -25.15 6.08 -25.14
CA GLN A 289 -26.46 6.63 -25.44
C GLN A 289 -26.51 8.13 -25.17
N LEU A 290 -25.74 8.60 -24.17
CA LEU A 290 -25.58 10.01 -23.90
C LEU A 290 -24.48 10.68 -24.73
N ARG A 291 -23.81 9.88 -25.58
CA ARG A 291 -22.62 10.29 -26.31
C ARG A 291 -21.53 10.84 -25.41
N LEU A 292 -21.40 10.22 -24.21
CA LEU A 292 -20.35 10.60 -23.27
C LEU A 292 -19.28 9.51 -23.15
N HIS A 293 -19.36 8.50 -24.01
CA HIS A 293 -18.49 7.33 -23.93
C HIS A 293 -17.05 7.61 -24.35
N ARG A 294 -16.82 8.75 -25.04
CA ARG A 294 -15.48 9.21 -25.35
C ARG A 294 -15.17 10.52 -24.63
N CYS A 295 -15.88 10.75 -23.53
CA CYS A 295 -15.77 11.96 -22.73
C CYS A 295 -15.32 11.67 -21.30
N VAL A 296 -15.76 10.52 -20.78
CA VAL A 296 -15.64 10.22 -19.36
C VAL A 296 -14.41 9.35 -19.09
N ASN A 297 -13.70 9.66 -18.00
CA ASN A 297 -12.67 8.75 -17.51
C ASN A 297 -13.32 7.75 -16.57
N VAL A 298 -13.05 6.47 -16.81
CA VAL A 298 -13.57 5.40 -15.99
C VAL A 298 -12.39 4.69 -15.33
N ILE A 299 -12.52 4.47 -14.02
CA ILE A 299 -11.61 3.63 -13.28
C ILE A 299 -12.39 2.41 -12.82
N PHE A 300 -11.89 1.22 -13.19
CA PHE A 300 -12.38 -0.04 -12.66
C PHE A 300 -11.31 -0.54 -11.69
N VAL A 301 -11.66 -0.62 -10.41
CA VAL A 301 -10.69 -0.85 -9.35
C VAL A 301 -11.30 -1.77 -8.29
N GLY A 302 -10.47 -2.68 -7.76
CA GLY A 302 -10.89 -3.56 -6.69
C GLY A 302 -10.27 -3.13 -5.37
N ASP A 303 -10.80 -3.65 -4.26
CA ASP A 303 -10.26 -3.29 -2.96
C ASP A 303 -9.27 -4.34 -2.46
N HIS A 304 -9.51 -5.61 -2.83
CA HIS A 304 -8.63 -6.70 -2.46
C HIS A 304 -9.07 -7.95 -3.22
N GLY A 305 -8.26 -9.01 -3.14
CA GLY A 305 -8.61 -10.29 -3.72
C GLY A 305 -9.31 -11.22 -2.74
N MET A 306 -9.07 -12.53 -2.92
CA MET A 306 -9.80 -13.57 -2.22
C MET A 306 -8.96 -14.84 -2.25
N GLU A 307 -8.85 -15.48 -1.08
CA GLU A 307 -8.06 -16.68 -0.89
C GLU A 307 -8.98 -17.84 -0.53
N ASP A 308 -8.55 -19.07 -0.86
CA ASP A 308 -9.19 -20.28 -0.35
C ASP A 308 -8.96 -20.38 1.16
N VAL A 309 -10.06 -20.31 1.93
CA VAL A 309 -10.00 -20.42 3.38
C VAL A 309 -11.20 -21.23 3.85
N THR A 310 -10.92 -22.31 4.59
CA THR A 310 -11.96 -23.13 5.20
C THR A 310 -11.69 -23.24 6.70
N CYS A 311 -12.73 -23.55 7.47
CA CYS A 311 -12.65 -23.48 8.92
C CYS A 311 -11.91 -24.67 9.53
N ASP A 312 -11.65 -25.70 8.73
CA ASP A 312 -10.74 -26.76 9.13
C ASP A 312 -9.34 -26.16 9.33
N ARG A 313 -9.03 -25.11 8.57
CA ARG A 313 -7.75 -24.43 8.71
C ARG A 313 -7.86 -23.24 9.67
N THR A 314 -8.14 -23.56 10.93
CA THR A 314 -8.23 -22.56 11.99
C THR A 314 -7.28 -22.94 13.11
N GLU A 315 -6.41 -21.99 13.49
CA GLU A 315 -5.63 -22.08 14.71
C GLU A 315 -6.46 -21.52 15.87
N PHE A 316 -6.41 -22.19 17.02
CA PHE A 316 -7.11 -21.75 18.22
C PHE A 316 -6.12 -21.30 19.28
N LEU A 317 -6.35 -20.10 19.84
CA LEU A 317 -5.50 -19.57 20.90
C LEU A 317 -5.54 -20.44 22.14
N SER A 318 -6.64 -21.16 22.33
CA SER A 318 -6.83 -22.04 23.47
C SER A 318 -5.96 -23.31 23.42
N ASN A 319 -5.26 -23.53 22.31
CA ASN A 319 -4.26 -24.59 22.23
C ASN A 319 -2.89 -24.10 22.67
N TYR A 320 -2.81 -22.80 22.99
CA TYR A 320 -1.56 -22.15 23.37
C TYR A 320 -1.63 -21.47 24.74
N LEU A 321 -2.81 -20.94 25.07
CA LEU A 321 -3.05 -20.27 26.34
C LEU A 321 -4.05 -21.10 27.12
N THR A 322 -3.75 -21.35 28.40
CA THR A 322 -4.65 -22.08 29.27
C THR A 322 -5.89 -21.25 29.58
N ASN A 323 -5.68 -19.96 29.85
CA ASN A 323 -6.76 -19.05 30.14
C ASN A 323 -6.96 -18.08 28.97
N VAL A 324 -8.07 -18.28 28.25
CA VAL A 324 -8.43 -17.45 27.11
C VAL A 324 -9.61 -16.54 27.41
N ASP A 325 -10.16 -16.65 28.63
CA ASP A 325 -11.32 -15.88 29.05
C ASP A 325 -11.00 -14.40 29.31
N ASP A 326 -9.71 -14.09 29.48
CA ASP A 326 -9.28 -12.73 29.80
C ASP A 326 -8.81 -11.92 28.61
N ILE A 327 -8.99 -12.44 27.39
CA ILE A 327 -8.56 -11.74 26.20
C ILE A 327 -9.71 -11.52 25.21
N THR A 328 -9.64 -10.38 24.51
CA THR A 328 -10.52 -10.11 23.40
C THR A 328 -9.69 -10.28 22.13
N LEU A 329 -10.20 -11.09 21.20
CA LEU A 329 -9.53 -11.33 19.93
C LEU A 329 -10.41 -10.81 18.79
N VAL A 330 -9.85 -9.95 17.94
CA VAL A 330 -10.39 -9.71 16.62
C VAL A 330 -9.88 -10.87 15.76
N PRO A 331 -10.73 -11.84 15.37
CA PRO A 331 -10.27 -13.09 14.75
C PRO A 331 -10.28 -13.07 13.23
N GLY A 332 -9.86 -14.19 12.63
CA GLY A 332 -9.98 -14.40 11.20
C GLY A 332 -8.62 -14.48 10.52
N THR A 333 -8.48 -13.71 9.43
CA THR A 333 -7.29 -13.71 8.59
C THR A 333 -6.22 -12.78 9.15
N LEU A 334 -6.54 -12.16 10.29
CA LEU A 334 -5.56 -11.47 11.11
C LEU A 334 -6.04 -11.63 12.54
N GLY A 335 -5.13 -11.37 13.49
CA GLY A 335 -5.47 -11.38 14.91
C GLY A 335 -5.05 -10.07 15.57
N ARG A 336 -5.97 -9.52 16.37
CA ARG A 336 -5.63 -8.40 17.25
C ARG A 336 -6.14 -8.75 18.64
N ILE A 337 -5.25 -8.67 19.63
CA ILE A 337 -5.54 -9.10 20.99
C ILE A 337 -5.45 -7.88 21.91
N ARG A 338 -6.46 -7.76 22.77
CA ARG A 338 -6.39 -6.87 23.93
C ARG A 338 -7.03 -7.57 25.13
N ALA A 339 -6.84 -6.99 26.31
CA ALA A 339 -7.41 -7.50 27.55
C ALA A 339 -8.93 -7.37 27.52
N LYS A 340 -9.62 -8.41 27.99
CA LYS A 340 -11.05 -8.34 28.26
C LYS A 340 -11.19 -7.71 29.65
N SER A 341 -11.48 -6.41 29.68
CA SER A 341 -11.40 -5.59 30.88
C SER A 341 -9.94 -5.31 31.26
N TYR A 347 -3.86 -11.05 32.61
CA TYR A 347 -3.45 -10.54 31.30
C TYR A 347 -2.09 -9.86 31.40
N ASP A 348 -1.10 -10.43 30.71
CA ASP A 348 0.19 -9.77 30.54
C ASP A 348 0.67 -9.96 29.10
N PRO A 349 0.87 -8.86 28.32
CA PRO A 349 1.26 -8.96 26.92
C PRO A 349 2.53 -9.77 26.64
N LYS A 350 3.53 -9.64 27.52
CA LYS A 350 4.78 -10.35 27.38
C LYS A 350 4.55 -11.86 27.50
N THR A 351 3.74 -12.26 28.48
CA THR A 351 3.38 -13.67 28.65
C THR A 351 2.62 -14.19 27.43
N ILE A 352 1.71 -13.38 26.90
CA ILE A 352 0.88 -13.80 25.78
C ILE A 352 1.75 -14.05 24.55
N ILE A 353 2.61 -13.08 24.22
CA ILE A 353 3.49 -13.18 23.06
C ILE A 353 4.37 -14.42 23.16
N ALA A 354 5.03 -14.58 24.32
CA ALA A 354 5.88 -15.74 24.58
C ALA A 354 5.11 -17.05 24.38
N ALA A 355 3.89 -17.12 24.92
CA ALA A 355 3.07 -18.31 24.81
C ALA A 355 2.60 -18.63 23.40
N LEU A 356 2.65 -17.63 22.50
CA LEU A 356 2.21 -17.78 21.12
C LEU A 356 3.36 -17.92 20.12
N THR A 357 4.61 -17.87 20.61
CA THR A 357 5.78 -17.82 19.76
C THR A 357 6.41 -19.19 19.53
N CYS A 358 6.41 -19.63 18.27
CA CYS A 358 7.12 -20.83 17.82
C CYS A 358 6.85 -22.01 18.74
N LYS A 359 5.57 -22.32 18.94
CA LYS A 359 5.17 -23.38 19.86
C LYS A 359 4.86 -24.69 19.16
N LYS A 360 4.46 -24.62 17.89
CA LYS A 360 4.11 -25.80 17.12
C LYS A 360 4.82 -25.74 15.77
N PRO A 361 5.28 -26.89 15.23
CA PRO A 361 6.13 -26.88 14.02
C PRO A 361 5.48 -26.24 12.80
N ASP A 362 4.17 -26.47 12.62
CA ASP A 362 3.46 -25.99 11.45
C ASP A 362 2.70 -24.69 11.73
N GLN A 363 2.98 -24.06 12.87
CA GLN A 363 2.16 -22.98 13.40
C GLN A 363 1.80 -21.95 12.32
N HIS A 364 0.50 -21.69 12.18
CA HIS A 364 -0.01 -20.96 11.02
C HIS A 364 -0.35 -19.50 11.33
N PHE A 365 0.24 -18.99 12.40
CA PHE A 365 0.23 -17.55 12.65
C PHE A 365 1.54 -17.22 13.36
N LYS A 366 1.87 -15.93 13.38
CA LYS A 366 3.01 -15.43 14.12
C LYS A 366 2.55 -14.23 14.92
N PRO A 367 2.81 -14.19 16.24
CA PRO A 367 2.52 -13.02 17.06
C PRO A 367 3.58 -11.93 16.92
N TYR A 368 3.11 -10.68 17.05
CA TYR A 368 3.97 -9.51 17.03
C TYR A 368 3.43 -8.47 18.00
N MET A 369 4.34 -7.69 18.61
CA MET A 369 3.99 -6.37 19.08
C MET A 369 3.93 -5.54 17.80
N LYS A 370 2.94 -4.65 17.71
CA LYS A 370 2.67 -3.95 16.45
C LYS A 370 3.90 -3.21 15.92
N GLN A 371 4.69 -2.65 16.84
CA GLN A 371 5.90 -1.93 16.45
C GLN A 371 6.96 -2.82 15.78
N HIS A 372 6.83 -4.15 15.92
CA HIS A 372 7.79 -5.07 15.31
C HIS A 372 7.30 -5.70 14.01
N LEU A 373 6.07 -5.36 13.60
CA LEU A 373 5.57 -5.80 12.31
C LEU A 373 6.44 -5.20 11.21
N PRO A 374 6.56 -5.87 10.04
CA PRO A 374 7.30 -5.29 8.90
C PRO A 374 6.81 -3.87 8.63
N LYS A 375 7.77 -2.97 8.46
CA LYS A 375 7.49 -1.56 8.30
C LYS A 375 6.68 -1.29 7.04
N ARG A 376 6.87 -2.14 6.02
CA ARG A 376 6.11 -2.02 4.78
C ARG A 376 4.59 -2.08 4.96
N LEU A 377 4.12 -2.74 6.03
CA LEU A 377 2.69 -2.81 6.32
C LEU A 377 2.12 -1.51 6.87
N HIS A 378 3.00 -0.64 7.38
CA HIS A 378 2.60 0.63 7.99
C HIS A 378 1.40 0.49 8.92
N TYR A 379 1.45 -0.53 9.79
CA TYR A 379 0.29 -0.85 10.61
C TYR A 379 0.63 -0.84 12.10
N ALA A 380 0.84 0.36 12.65
CA ALA A 380 1.10 0.50 14.09
C ALA A 380 0.64 1.82 14.70
N ASN A 381 0.80 2.92 13.95
CA ASN A 381 0.63 4.26 14.50
C ASN A 381 -0.83 4.69 14.59
N ASN A 382 -1.65 3.91 15.30
CA ASN A 382 -3.02 4.29 15.55
C ASN A 382 -3.44 3.61 16.84
N ARG A 383 -4.11 4.37 17.71
CA ARG A 383 -4.61 3.85 18.98
C ARG A 383 -5.64 2.74 18.81
N ARG A 384 -6.22 2.63 17.61
CA ARG A 384 -7.18 1.58 17.31
C ARG A 384 -6.51 0.25 16.95
N ILE A 385 -5.19 0.26 16.79
CA ILE A 385 -4.45 -0.96 16.50
C ILE A 385 -3.93 -1.51 17.82
N GLU A 386 -4.36 -2.71 18.19
CA GLU A 386 -3.94 -3.32 19.44
C GLU A 386 -2.44 -3.60 19.39
N ASP A 387 -1.79 -3.45 20.55
CA ASP A 387 -0.38 -3.75 20.69
C ASP A 387 -0.01 -5.13 20.15
N ILE A 388 -0.82 -6.15 20.49
CA ILE A 388 -0.56 -7.52 20.07
C ILE A 388 -1.27 -7.80 18.74
N HIS A 389 -0.48 -8.20 17.75
CA HIS A 389 -1.00 -8.55 16.44
C HIS A 389 -0.57 -9.96 16.07
N LEU A 390 -1.47 -10.69 15.39
CA LEU A 390 -1.14 -11.99 14.85
C LEU A 390 -1.20 -11.89 13.33
N LEU A 391 -0.06 -12.13 12.67
CA LEU A 391 -0.05 -12.26 11.22
C LEU A 391 -0.39 -13.70 10.91
N VAL A 392 -1.50 -13.90 10.17
CA VAL A 392 -2.01 -15.24 9.90
C VAL A 392 -1.53 -15.70 8.52
N ASP A 393 -1.12 -16.96 8.43
CA ASP A 393 -0.70 -17.54 7.16
C ASP A 393 -1.86 -17.55 6.17
N ARG A 394 -1.55 -17.23 4.91
CA ARG A 394 -2.54 -17.35 3.85
C ARG A 394 -3.25 -18.70 3.95
N ARG A 395 -4.56 -18.67 3.69
CA ARG A 395 -5.41 -19.85 3.68
C ARG A 395 -5.87 -20.29 5.07
N TRP A 396 -5.43 -19.58 6.12
CA TRP A 396 -5.79 -19.92 7.49
C TRP A 396 -6.61 -18.83 8.21
N HIS A 397 -7.23 -19.26 9.31
CA HIS A 397 -7.87 -18.37 10.27
C HIS A 397 -7.23 -18.56 11.64
N VAL A 398 -7.36 -17.55 12.48
CA VAL A 398 -7.09 -17.67 13.90
C VAL A 398 -8.39 -17.35 14.64
N ALA A 399 -8.66 -18.12 15.69
CA ALA A 399 -9.82 -17.92 16.52
C ALA A 399 -9.44 -18.19 17.97
N ARG A 400 -10.30 -17.78 18.88
CA ARG A 400 -10.02 -17.82 20.30
C ARG A 400 -10.12 -19.25 20.84
N LYS A 401 -11.23 -19.92 20.52
CA LYS A 401 -11.46 -21.29 20.94
C LYS A 401 -12.35 -22.00 19.91
N PRO A 402 -12.31 -23.35 19.84
CA PRO A 402 -13.12 -24.10 18.86
C PRO A 402 -14.59 -23.74 18.78
N LEU A 403 -15.21 -23.44 19.94
CA LEU A 403 -16.63 -23.16 20.00
C LEU A 403 -17.03 -21.85 19.31
N ASP A 404 -16.04 -21.00 19.00
CA ASP A 404 -16.30 -19.76 18.27
C ASP A 404 -16.52 -19.99 16.77
N VAL A 405 -16.13 -21.17 16.28
CA VAL A 405 -16.34 -21.52 14.88
C VAL A 405 -17.72 -22.20 14.78
N TYR A 406 -18.53 -21.74 13.82
CA TYR A 406 -19.87 -22.25 13.63
C TYR A 406 -19.87 -23.15 12.39
N LYS A 407 -20.10 -24.45 12.63
CA LYS A 407 -20.09 -25.47 11.60
C LYS A 407 -21.51 -25.95 11.32
N LYS A 408 -21.75 -26.43 10.10
CA LYS A 408 -22.97 -27.16 9.77
C LYS A 408 -22.95 -28.54 10.45
N PRO A 409 -24.10 -29.24 10.53
CA PRO A 409 -24.14 -30.61 11.05
C PRO A 409 -23.17 -31.59 10.38
N SER A 410 -22.92 -31.39 9.08
CA SER A 410 -22.00 -32.23 8.34
C SER A 410 -20.54 -32.02 8.71
N GLY A 411 -20.24 -30.92 9.39
CA GLY A 411 -18.87 -30.54 9.74
C GLY A 411 -18.33 -29.46 8.82
N LYS A 412 -18.89 -29.39 7.60
CA LYS A 412 -18.53 -28.37 6.64
C LYS A 412 -18.90 -26.99 7.17
N CYS A 413 -18.17 -25.96 6.73
CA CYS A 413 -18.46 -24.61 7.15
C CYS A 413 -19.21 -23.84 6.09
N PHE A 414 -19.60 -22.61 6.44
CA PHE A 414 -20.45 -21.77 5.61
C PHE A 414 -19.64 -20.99 4.57
N PHE A 415 -18.31 -20.99 4.72
CA PHE A 415 -17.44 -20.17 3.89
C PHE A 415 -16.28 -20.98 3.33
N GLN A 416 -15.86 -20.65 2.10
CA GLN A 416 -14.71 -21.27 1.45
C GLN A 416 -13.70 -20.24 0.96
N GLY A 417 -14.01 -18.95 1.16
CA GLY A 417 -13.07 -17.89 0.84
C GLY A 417 -12.99 -16.83 1.94
N ASP A 418 -11.82 -16.21 2.06
CA ASP A 418 -11.66 -15.04 2.90
C ASP A 418 -10.45 -14.24 2.43
N HIS A 419 -10.31 -13.04 3.00
CA HIS A 419 -9.23 -12.12 2.68
C HIS A 419 -8.91 -11.35 3.96
N GLY A 420 -7.82 -10.58 3.95
CA GLY A 420 -7.38 -9.83 5.11
C GLY A 420 -5.88 -9.98 5.36
N PHE A 421 -5.31 -11.01 4.74
CA PHE A 421 -3.90 -11.37 4.90
C PHE A 421 -2.94 -10.26 4.48
N ASP A 422 -1.69 -10.41 4.93
CA ASP A 422 -0.57 -9.61 4.45
C ASP A 422 -0.76 -9.26 2.98
N ASN A 423 -0.54 -7.99 2.65
CA ASN A 423 -0.84 -7.51 1.29
C ASN A 423 0.22 -7.91 0.27
N LYS A 424 1.24 -8.68 0.68
CA LYS A 424 2.20 -9.28 -0.23
C LYS A 424 1.66 -10.55 -0.88
N VAL A 425 0.66 -11.17 -0.24
CA VAL A 425 0.11 -12.45 -0.68
C VAL A 425 -0.54 -12.28 -2.05
N ASN A 426 -0.24 -13.21 -2.98
CA ASN A 426 -0.69 -13.07 -4.36
C ASN A 426 -2.22 -13.07 -4.48
N SER A 427 -2.87 -13.93 -3.70
CA SER A 427 -4.33 -14.03 -3.73
C SER A 427 -5.03 -12.75 -3.26
N MET A 428 -4.31 -11.86 -2.55
CA MET A 428 -4.89 -10.62 -2.07
C MET A 428 -4.80 -9.48 -3.09
N GLN A 429 -4.04 -9.68 -4.17
CA GLN A 429 -3.87 -8.64 -5.18
C GLN A 429 -5.18 -8.43 -5.92
N THR A 430 -5.41 -7.19 -6.36
CA THR A 430 -6.66 -6.85 -7.02
C THR A 430 -6.38 -6.14 -8.35
N VAL A 431 -7.40 -5.48 -8.90
CA VAL A 431 -7.35 -5.01 -10.27
C VAL A 431 -7.32 -3.49 -10.35
N PHE A 432 -6.73 -2.99 -11.44
CA PHE A 432 -6.87 -1.60 -11.83
C PHE A 432 -6.94 -1.48 -13.34
N VAL A 433 -7.93 -0.72 -13.80
CA VAL A 433 -8.08 -0.35 -15.20
C VAL A 433 -8.47 1.11 -15.24
N GLY A 434 -7.80 1.89 -16.08
CA GLY A 434 -8.21 3.25 -16.39
C GLY A 434 -8.56 3.34 -17.87
N TYR A 435 -9.75 3.87 -18.17
CA TYR A 435 -10.19 4.01 -19.54
C TYR A 435 -10.77 5.42 -19.71
N GLY A 436 -10.33 6.11 -20.75
CA GLY A 436 -10.89 7.42 -21.07
C GLY A 436 -9.83 8.34 -21.65
N PRO A 437 -10.20 9.60 -21.98
CA PRO A 437 -9.31 10.50 -22.69
C PRO A 437 -8.01 10.84 -21.98
N THR A 438 -7.99 10.78 -20.65
CA THR A 438 -6.79 11.15 -19.91
C THR A 438 -5.85 9.96 -19.67
N PHE A 439 -6.38 8.74 -19.80
CA PHE A 439 -5.56 7.55 -19.68
C PHE A 439 -4.90 7.24 -21.01
N LYS A 440 -3.79 6.48 -20.96
CA LYS A 440 -3.14 6.03 -22.19
C LYS A 440 -3.96 4.95 -22.87
N TYR A 441 -3.68 4.74 -24.16
CA TYR A 441 -4.40 3.80 -25.01
C TYR A 441 -3.63 2.48 -25.06
N ARG A 442 -4.34 1.37 -24.84
CA ARG A 442 -3.76 0.04 -24.88
C ARG A 442 -2.38 -0.01 -24.24
N THR A 443 -2.30 0.43 -22.99
CA THR A 443 -1.01 0.56 -22.30
C THR A 443 -1.02 -0.31 -21.04
N LYS A 444 0.01 -1.13 -20.91
CA LYS A 444 0.26 -1.88 -19.69
C LYS A 444 1.24 -1.10 -18.83
N VAL A 445 0.92 -0.96 -17.54
CA VAL A 445 1.80 -0.29 -16.60
C VAL A 445 2.18 -1.30 -15.52
N PRO A 446 3.33 -1.11 -14.83
CA PRO A 446 3.72 -2.04 -13.76
C PRO A 446 2.75 -2.00 -12.58
N PRO A 447 2.67 -3.10 -11.78
CA PRO A 447 1.84 -3.12 -10.58
C PRO A 447 2.20 -1.94 -9.68
N PHE A 448 1.20 -1.45 -8.94
CA PHE A 448 1.38 -0.34 -8.03
C PHE A 448 0.44 -0.49 -6.84
N GLU A 449 0.64 0.34 -5.82
CA GLU A 449 -0.11 0.29 -4.57
C GLU A 449 -1.31 1.22 -4.65
N ASN A 450 -2.41 0.82 -4.03
CA ASN A 450 -3.65 1.57 -4.11
C ASN A 450 -3.55 2.94 -3.43
N ILE A 451 -2.57 3.11 -2.54
CA ILE A 451 -2.34 4.40 -1.92
C ILE A 451 -2.01 5.50 -2.92
N GLU A 452 -1.53 5.12 -4.13
CA GLU A 452 -1.15 6.07 -5.16
C GLU A 452 -2.30 6.66 -5.96
N LEU A 453 -3.49 6.05 -5.86
CA LEU A 453 -4.57 6.39 -6.77
C LEU A 453 -5.26 7.72 -6.47
N TYR A 454 -5.37 8.06 -5.18
CA TYR A 454 -5.99 9.32 -4.78
C TYR A 454 -5.36 10.51 -5.51
N ASN A 455 -4.03 10.51 -5.65
CA ASN A 455 -3.34 11.58 -6.36
C ASN A 455 -3.76 11.65 -7.83
N VAL A 456 -3.89 10.47 -8.45
CA VAL A 456 -4.30 10.36 -9.84
C VAL A 456 -5.71 10.91 -10.01
N MET A 457 -6.61 10.49 -9.13
CA MET A 457 -8.00 10.90 -9.19
C MET A 457 -8.12 12.41 -9.01
N CYS A 458 -7.25 12.97 -8.15
CA CYS A 458 -7.15 14.41 -8.00
C CYS A 458 -6.69 15.08 -9.29
N ASP A 459 -5.63 14.54 -9.90
CA ASP A 459 -5.10 15.08 -11.14
C ASP A 459 -6.14 15.02 -12.26
N LEU A 460 -6.89 13.91 -12.33
CA LEU A 460 -7.94 13.75 -13.32
C LEU A 460 -9.06 14.77 -13.16
N LEU A 461 -9.25 15.28 -11.94
CA LEU A 461 -10.30 16.23 -11.63
C LEU A 461 -9.79 17.65 -11.51
N GLY A 462 -8.47 17.84 -11.67
CA GLY A 462 -7.85 19.14 -11.53
C GLY A 462 -7.82 19.63 -10.08
N LEU A 463 -7.71 18.68 -9.14
CA LEU A 463 -7.72 18.99 -7.73
C LEU A 463 -6.32 18.94 -7.14
N LYS A 464 -6.04 19.86 -6.21
CA LYS A 464 -4.86 19.78 -5.35
C LYS A 464 -5.12 18.70 -4.31
N PRO A 465 -4.36 17.59 -4.29
CA PRO A 465 -4.57 16.55 -3.27
C PRO A 465 -4.23 17.04 -1.87
N ALA A 466 -4.99 16.57 -0.88
CA ALA A 466 -4.62 16.73 0.51
C ALA A 466 -3.36 15.91 0.76
N PRO A 467 -2.56 16.24 1.81
CA PRO A 467 -1.37 15.45 2.14
C PRO A 467 -1.71 13.98 2.31
N ASN A 468 -0.97 13.12 1.59
CA ASN A 468 -1.24 11.70 1.65
C ASN A 468 0.05 10.89 1.46
N ASN A 469 -0.08 9.56 1.45
CA ASN A 469 1.06 8.67 1.47
C ASN A 469 1.46 8.18 0.08
N GLY A 470 0.64 8.52 -0.92
CA GLY A 470 1.06 8.38 -2.30
C GLY A 470 2.31 9.21 -2.56
N THR A 471 3.00 8.89 -3.65
CA THR A 471 4.12 9.69 -4.12
C THR A 471 3.64 10.35 -5.41
N HIS A 472 3.34 11.66 -5.31
CA HIS A 472 2.74 12.37 -6.43
C HIS A 472 3.72 12.46 -7.58
N GLY A 473 3.34 11.88 -8.72
CA GLY A 473 4.19 11.82 -9.90
C GLY A 473 4.59 10.38 -10.25
N SER A 474 4.44 9.46 -9.30
CA SER A 474 4.91 8.09 -9.49
C SER A 474 4.04 7.29 -10.44
N LEU A 475 2.81 7.76 -10.70
CA LEU A 475 1.94 7.15 -11.69
C LEU A 475 1.67 8.08 -12.88
N ASN A 476 2.60 9.00 -13.16
CA ASN A 476 2.45 9.89 -14.31
C ASN A 476 2.40 9.10 -15.61
N HIS A 477 3.09 7.95 -15.63
CA HIS A 477 3.14 7.10 -16.81
C HIS A 477 1.82 6.41 -17.17
N LEU A 478 0.78 6.57 -16.32
CA LEU A 478 -0.54 6.09 -16.65
C LEU A 478 -1.34 7.03 -17.56
N LEU A 479 -0.97 8.32 -17.57
CA LEU A 479 -1.82 9.35 -18.14
C LEU A 479 -1.23 9.91 -19.43
N ARG A 480 -2.13 10.27 -20.36
N ARG A 480 -2.11 10.36 -20.33
CA ARG A 480 -1.80 10.99 -21.58
CA ARG A 480 -1.67 10.94 -21.60
C ARG A 480 -1.12 12.32 -21.30
C ARG A 480 -1.22 12.38 -21.42
N THR A 481 -1.74 13.06 -20.39
CA THR A 481 -1.41 14.43 -20.09
C THR A 481 -1.25 14.51 -18.58
N ASN A 482 -0.14 15.10 -18.16
CA ASN A 482 0.16 15.24 -16.74
C ASN A 482 0.17 16.71 -16.35
N THR A 483 -0.85 17.11 -15.59
CA THR A 483 -0.97 18.44 -15.03
C THR A 483 0.04 18.67 -13.92
N PHE A 484 0.49 17.58 -13.28
CA PHE A 484 1.52 17.64 -12.24
C PHE A 484 2.84 17.07 -12.74
N ARG A 485 3.90 17.87 -12.62
CA ARG A 485 5.23 17.44 -12.98
C ARG A 485 6.05 17.43 -11.69
N PRO A 486 6.53 16.25 -11.24
CA PRO A 486 7.23 16.16 -9.96
C PRO A 486 8.55 16.91 -10.01
N THR A 487 8.92 17.54 -8.89
CA THR A 487 10.24 18.14 -8.74
C THR A 487 10.97 17.50 -7.57
N MET A 488 12.26 17.25 -7.79
CA MET A 488 13.14 16.67 -6.78
C MET A 488 13.24 17.67 -5.62
N PRO A 489 13.08 17.21 -4.35
CA PRO A 489 13.08 18.14 -3.21
C PRO A 489 14.46 18.75 -2.98
N ASP A 490 14.49 19.93 -2.34
CA ASP A 490 15.72 20.64 -2.07
C ASP A 490 16.48 19.97 -0.94
N GLU A 491 17.81 19.85 -1.09
CA GLU A 491 18.64 19.41 0.02
C GLU A 491 18.58 20.50 1.09
N VAL A 492 18.40 20.08 2.34
CA VAL A 492 18.29 21.01 3.45
C VAL A 492 19.64 21.24 4.13
N SER A 493 20.36 20.14 4.43
CA SER A 493 21.68 20.23 5.04
C SER A 493 22.78 19.86 4.04
N ARG A 494 23.73 20.79 3.85
CA ARG A 494 24.91 20.53 3.04
C ARG A 494 25.92 19.73 3.86
N PRO A 495 26.68 18.80 3.23
CA PRO A 495 27.69 18.04 3.95
C PRO A 495 28.96 18.85 4.20
N ASN A 496 29.67 18.48 5.26
CA ASN A 496 31.07 18.86 5.43
C ASN A 496 31.96 17.79 4.81
N TYR A 497 33.17 18.21 4.44
CA TYR A 497 34.16 17.34 3.85
C TYR A 497 35.44 17.48 4.65
N PRO A 498 35.52 16.89 5.87
CA PRO A 498 36.66 17.10 6.75
C PRO A 498 37.92 16.42 6.20
N GLY A 499 39.04 17.14 6.28
CA GLY A 499 40.35 16.54 6.07
C GLY A 499 40.87 15.98 7.39
N ILE A 500 42.19 15.78 7.46
CA ILE A 500 42.84 15.26 8.64
C ILE A 500 42.95 16.41 9.63
N MET A 501 42.21 16.33 10.75
CA MET A 501 42.10 17.45 11.68
C MET A 501 42.55 17.14 13.10
N TYR A 502 42.62 15.85 13.46
CA TYR A 502 42.87 15.44 14.84
C TYR A 502 44.04 14.45 14.92
N LEU A 503 44.76 14.51 16.03
CA LEU A 503 45.84 13.57 16.31
C LEU A 503 45.26 12.32 16.98
N GLN A 504 45.83 11.16 16.62
CA GLN A 504 45.56 9.88 17.26
C GLN A 504 45.51 10.00 18.79
N SER A 505 46.45 10.77 19.34
CA SER A 505 46.64 10.90 20.77
C SER A 505 45.57 11.75 21.46
N GLU A 506 44.79 12.50 20.68
CA GLU A 506 43.67 13.27 21.20
C GLU A 506 42.41 12.44 21.41
N PHE A 507 42.47 11.14 21.04
CA PHE A 507 41.35 10.24 21.24
C PHE A 507 41.54 9.37 22.49
N ASP A 508 40.53 9.37 23.36
CA ASP A 508 40.48 8.49 24.52
C ASP A 508 39.15 7.75 24.49
N LEU A 509 39.02 6.83 23.53
CA LEU A 509 37.75 6.16 23.28
C LEU A 509 37.72 4.75 23.86
N GLY A 510 38.83 4.33 24.48
CA GLY A 510 38.94 3.00 25.05
C GLY A 510 39.05 1.91 23.98
N CYS A 511 39.28 2.33 22.73
CA CYS A 511 39.39 1.42 21.61
C CYS A 511 40.84 0.96 21.47
N THR A 512 41.03 -0.23 20.90
CA THR A 512 42.37 -0.73 20.61
C THR A 512 42.45 -1.28 19.20
N CYS A 513 43.62 -1.06 18.57
CA CYS A 513 43.99 -1.73 17.34
C CYS A 513 45.51 -1.67 17.24
N ASP A 514 46.12 -2.66 16.58
CA ASP A 514 47.56 -2.75 16.43
C ASP A 514 48.31 -1.61 17.14
N SER A 535 38.07 8.33 -7.31
CA SER A 535 37.20 7.32 -7.92
C SER A 535 36.16 6.73 -6.95
N THR A 536 36.41 6.84 -5.64
CA THR A 536 35.44 6.47 -4.63
C THR A 536 34.03 6.86 -5.07
N LYS A 537 33.82 8.17 -5.25
CA LYS A 537 32.53 8.70 -5.66
C LYS A 537 31.94 7.93 -6.83
N GLU A 538 32.71 7.86 -7.93
CA GLU A 538 32.23 7.28 -9.17
C GLU A 538 31.81 5.81 -9.04
N ARG A 539 32.61 5.02 -8.31
CA ARG A 539 32.36 3.60 -8.25
C ARG A 539 31.52 3.17 -7.06
N HIS A 540 31.51 3.96 -5.97
CA HIS A 540 30.78 3.58 -4.77
C HIS A 540 29.46 4.33 -4.56
N LEU A 541 29.36 5.55 -5.11
CA LEU A 541 28.11 6.29 -5.16
C LEU A 541 27.64 6.39 -6.62
N LEU A 542 26.87 5.41 -7.07
CA LEU A 542 26.53 5.31 -8.47
C LEU A 542 25.46 6.31 -8.91
N TYR A 543 24.61 6.75 -7.98
CA TYR A 543 23.41 7.51 -8.32
C TYR A 543 23.38 8.85 -7.58
N GLY A 544 24.58 9.37 -7.30
CA GLY A 544 24.72 10.59 -6.54
C GLY A 544 24.60 10.36 -5.04
N ARG A 545 25.04 11.38 -4.30
CA ARG A 545 24.96 11.42 -2.86
C ARG A 545 23.49 11.57 -2.46
N PRO A 546 22.99 10.80 -1.46
CA PRO A 546 21.65 11.07 -0.93
C PRO A 546 21.58 12.50 -0.42
N ALA A 547 20.40 13.13 -0.57
CA ALA A 547 20.19 14.45 -0.02
C ALA A 547 19.64 14.32 1.39
N VAL A 548 20.14 15.15 2.31
CA VAL A 548 19.60 15.20 3.65
C VAL A 548 18.53 16.30 3.70
N LEU A 549 17.27 15.88 3.94
CA LEU A 549 16.12 16.77 3.87
C LEU A 549 15.69 17.30 5.23
N TYR A 550 16.59 17.25 6.23
CA TYR A 550 16.34 17.89 7.50
C TYR A 550 17.61 18.64 7.93
N ARG A 551 17.46 19.44 8.99
CA ARG A 551 18.55 20.25 9.51
C ARG A 551 19.39 19.38 10.45
N THR A 552 20.68 19.25 10.12
CA THR A 552 21.61 18.45 10.93
C THR A 552 23.04 18.77 10.51
N SER A 553 24.00 18.17 11.21
CA SER A 553 25.41 18.29 10.86
C SER A 553 25.98 16.91 10.56
N TYR A 554 26.53 16.76 9.35
CA TYR A 554 27.12 15.49 8.93
C TYR A 554 28.30 15.70 7.99
N ASP A 555 29.10 14.65 7.86
CA ASP A 555 30.35 14.69 7.09
C ASP A 555 30.34 13.60 6.03
N ILE A 556 30.86 13.92 4.83
CA ILE A 556 31.17 12.91 3.84
C ILE A 556 32.56 12.37 4.14
N LEU A 557 32.66 11.05 4.29
CA LEU A 557 33.91 10.35 4.51
C LEU A 557 34.18 9.42 3.32
N TYR A 558 35.33 9.63 2.66
CA TYR A 558 35.72 8.82 1.53
C TYR A 558 36.71 7.72 1.97
N HIS A 559 36.62 6.57 1.31
CA HIS A 559 37.54 5.47 1.53
C HIS A 559 37.69 4.73 0.21
N THR A 560 38.71 3.88 0.13
CA THR A 560 38.93 3.05 -1.05
C THR A 560 37.68 2.26 -1.43
N ASP A 561 37.04 1.62 -0.44
CA ASP A 561 35.98 0.66 -0.70
C ASP A 561 34.56 1.17 -0.44
N PHE A 562 34.42 2.34 0.20
CA PHE A 562 33.10 2.84 0.53
C PHE A 562 33.10 4.34 0.83
N GLU A 563 31.91 4.93 0.77
CA GLU A 563 31.69 6.32 1.12
C GLU A 563 30.54 6.37 2.12
N SER A 564 30.61 7.33 3.04
CA SER A 564 29.57 7.46 4.04
C SER A 564 29.24 8.92 4.30
N GLY A 565 28.00 9.13 4.75
CA GLY A 565 27.55 10.39 5.31
C GLY A 565 27.42 10.24 6.82
N TYR A 566 28.42 10.75 7.55
CA TYR A 566 28.54 10.50 8.96
C TYR A 566 27.87 11.60 9.76
N SER A 567 26.91 11.23 10.61
CA SER A 567 26.21 12.17 11.46
C SER A 567 27.01 12.48 12.72
N GLU A 568 27.32 13.76 12.92
CA GLU A 568 27.92 14.22 14.15
C GLU A 568 26.92 14.31 15.30
N ILE A 569 25.63 14.23 14.98
CA ILE A 569 24.57 14.25 15.99
C ILE A 569 24.30 12.84 16.52
N PHE A 570 24.16 11.87 15.61
CA PHE A 570 23.85 10.50 15.99
C PHE A 570 25.11 9.64 16.15
N LEU A 571 26.27 10.21 15.83
CA LEU A 571 27.56 9.58 16.06
C LEU A 571 27.73 8.30 15.24
N MET A 572 27.12 8.26 14.06
CA MET A 572 27.25 7.13 13.17
C MET A 572 26.79 7.58 11.78
N PRO A 573 27.08 6.82 10.71
CA PRO A 573 26.58 7.16 9.38
C PRO A 573 25.05 7.18 9.31
N LEU A 574 24.53 8.13 8.54
CA LEU A 574 23.16 8.11 8.09
C LEU A 574 23.06 7.12 6.93
N TRP A 575 24.14 7.04 6.16
CA TRP A 575 24.22 6.13 5.03
C TRP A 575 25.68 5.77 4.74
N THR A 576 25.85 4.54 4.23
CA THR A 576 27.14 4.03 3.79
C THR A 576 26.92 3.39 2.42
N SER A 577 27.74 3.77 1.44
CA SER A 577 27.52 3.37 0.06
C SER A 577 28.76 2.71 -0.53
N TYR A 578 28.55 1.54 -1.13
CA TYR A 578 29.64 0.78 -1.72
C TYR A 578 29.12 -0.13 -2.83
N THR A 579 30.02 -0.41 -3.78
CA THR A 579 29.72 -1.26 -4.93
C THR A 579 30.57 -2.52 -4.82
N ILE A 580 29.91 -3.66 -5.05
CA ILE A 580 30.55 -4.96 -5.07
C ILE A 580 30.37 -5.53 -6.48
N SER A 581 31.48 -5.73 -7.19
CA SER A 581 31.41 -6.29 -8.54
C SER A 581 31.11 -7.78 -8.48
N LYS A 582 30.69 -8.34 -9.62
CA LYS A 582 30.47 -9.77 -9.77
C LYS A 582 31.70 -10.60 -9.36
N GLN A 583 32.90 -10.04 -9.59
CA GLN A 583 34.15 -10.74 -9.33
C GLN A 583 34.76 -10.49 -7.95
N ALA A 584 34.14 -9.62 -7.13
CA ALA A 584 34.71 -9.25 -5.86
C ALA A 584 34.89 -10.50 -4.99
N GLU A 585 35.93 -10.50 -4.15
CA GLU A 585 36.22 -11.65 -3.31
C GLU A 585 35.87 -11.36 -1.84
N VAL A 586 35.34 -12.39 -1.17
CA VAL A 586 35.11 -12.33 0.27
C VAL A 586 36.37 -12.82 0.97
N SER A 587 36.80 -12.06 1.99
CA SER A 587 37.92 -12.46 2.84
C SER A 587 37.45 -12.58 4.28
N SER A 588 38.33 -13.07 5.14
CA SER A 588 38.07 -13.16 6.57
C SER A 588 38.98 -12.21 7.33
N ILE A 589 38.70 -12.05 8.63
CA ILE A 589 39.41 -11.11 9.47
C ILE A 589 40.60 -11.81 10.11
N PRO A 590 41.85 -11.33 9.91
CA PRO A 590 42.97 -11.78 10.74
C PRO A 590 42.61 -11.71 12.22
N GLU A 591 43.20 -12.60 13.01
CA GLU A 591 42.86 -12.69 14.43
C GLU A 591 43.18 -11.38 15.15
N HIS A 592 44.29 -10.73 14.76
CA HIS A 592 44.72 -9.48 15.37
C HIS A 592 43.72 -8.34 15.19
N LEU A 593 42.93 -8.38 14.10
CA LEU A 593 41.92 -7.36 13.83
C LEU A 593 40.58 -7.64 14.53
N THR A 594 40.49 -8.78 15.22
CA THR A 594 39.38 -9.04 16.13
C THR A 594 39.38 -7.98 17.21
N ASN A 595 38.22 -7.32 17.39
CA ASN A 595 38.03 -6.22 18.33
C ASN A 595 38.78 -4.95 17.96
N CYS A 596 39.28 -4.85 16.71
CA CYS A 596 39.95 -3.65 16.27
C CYS A 596 38.92 -2.55 16.02
N VAL A 597 39.13 -1.38 16.65
CA VAL A 597 38.43 -0.17 16.30
C VAL A 597 39.46 0.96 16.28
N ARG A 598 39.44 1.76 15.21
CA ARG A 598 40.40 2.83 14.99
C ARG A 598 39.73 4.19 15.06
N PRO A 599 40.33 5.19 15.74
CA PRO A 599 39.78 6.55 15.69
C PRO A 599 39.93 7.14 14.30
N ASP A 600 38.94 7.95 13.91
CA ASP A 600 38.93 8.59 12.60
C ASP A 600 39.45 10.02 12.75
N VAL A 601 40.66 10.28 12.23
CA VAL A 601 41.32 11.55 12.43
C VAL A 601 40.60 12.71 11.73
N ARG A 602 39.61 12.40 10.88
CA ARG A 602 38.80 13.43 10.26
C ARG A 602 37.66 13.91 11.18
N VAL A 603 37.35 13.10 12.20
CA VAL A 603 36.18 13.33 13.02
C VAL A 603 36.59 13.51 14.48
N SER A 604 36.04 14.54 15.13
CA SER A 604 36.42 14.91 16.48
C SER A 604 36.15 13.80 17.48
N PRO A 605 37.01 13.63 18.51
CA PRO A 605 36.72 12.70 19.60
C PRO A 605 35.32 12.91 20.18
N GLY A 606 34.93 14.19 20.32
CA GLY A 606 33.64 14.56 20.87
C GLY A 606 32.43 14.18 20.01
N PHE A 607 32.66 13.86 18.73
CA PHE A 607 31.60 13.46 17.81
C PHE A 607 31.78 12.01 17.35
N SER A 608 32.54 11.24 18.13
CA SER A 608 32.84 9.85 17.82
C SER A 608 32.21 8.94 18.88
N GLN A 609 31.94 7.69 18.50
CA GLN A 609 31.59 6.66 19.48
C GLN A 609 32.82 6.33 20.31
N ASN A 610 32.64 5.51 21.34
CA ASN A 610 33.75 5.01 22.12
C ASN A 610 33.50 3.55 22.46
N CYS A 611 34.59 2.80 22.63
CA CYS A 611 34.51 1.36 22.82
C CYS A 611 34.15 1.00 24.26
N LEU A 612 34.39 1.92 25.20
CA LEU A 612 34.09 1.64 26.59
C LEU A 612 32.60 1.42 26.81
N ALA A 613 31.76 2.20 26.13
CA ALA A 613 30.32 2.05 26.21
C ALA A 613 29.88 0.63 25.85
N TYR A 614 30.45 0.08 24.77
CA TYR A 614 30.14 -1.28 24.34
C TYR A 614 30.65 -2.33 25.33
N LYS A 615 31.86 -2.11 25.87
CA LYS A 615 32.43 -2.99 26.88
C LYS A 615 31.54 -3.07 28.12
N ASN A 616 31.00 -1.92 28.54
CA ASN A 616 30.17 -1.85 29.73
C ASN A 616 28.70 -2.17 29.50
N ASP A 617 28.23 -2.08 28.24
CA ASP A 617 26.88 -2.47 27.92
C ASP A 617 26.87 -3.97 27.63
N LYS A 618 26.39 -4.75 28.61
CA LYS A 618 26.43 -6.20 28.54
C LYS A 618 25.46 -6.77 27.49
N GLN A 619 24.47 -5.96 27.07
CA GLN A 619 23.50 -6.41 26.09
C GLN A 619 23.90 -6.04 24.65
N MET A 620 24.80 -5.08 24.50
CA MET A 620 25.00 -4.44 23.21
C MET A 620 26.42 -4.69 22.69
N SER A 621 26.50 -5.08 21.42
CA SER A 621 27.77 -5.21 20.73
C SER A 621 27.78 -4.16 19.62
N TYR A 622 28.61 -4.36 18.59
CA TYR A 622 28.64 -3.44 17.48
C TYR A 622 28.94 -4.21 16.20
N GLY A 623 28.54 -3.61 15.07
CA GLY A 623 28.83 -4.13 13.75
C GLY A 623 29.35 -2.98 12.90
N PHE A 624 29.53 -3.26 11.60
CA PHE A 624 30.04 -2.28 10.67
C PHE A 624 29.10 -2.16 9.48
N LEU A 625 28.96 -0.94 8.95
CA LEU A 625 28.07 -0.70 7.81
C LEU A 625 28.74 -1.17 6.53
N PHE A 626 29.99 -0.76 6.31
CA PHE A 626 30.81 -1.41 5.30
C PHE A 626 31.51 -2.62 5.94
N PRO A 627 31.27 -3.86 5.44
CA PRO A 627 31.85 -5.05 6.04
C PRO A 627 33.34 -5.21 5.72
N PRO A 628 34.20 -5.40 6.74
CA PRO A 628 35.61 -5.75 6.50
C PRO A 628 35.78 -6.94 5.56
N TYR A 629 34.82 -7.87 5.59
CA TYR A 629 34.83 -9.06 4.75
C TYR A 629 35.02 -8.78 3.26
N LEU A 630 34.51 -7.62 2.81
CA LEU A 630 34.48 -7.29 1.40
C LEU A 630 35.50 -6.22 1.04
N SER A 631 36.46 -5.99 1.93
CA SER A 631 37.56 -5.08 1.65
C SER A 631 38.32 -5.51 0.40
N SER A 632 38.89 -4.52 -0.31
CA SER A 632 39.54 -4.76 -1.59
C SER A 632 41.00 -5.20 -1.43
N SER A 633 41.55 -5.04 -0.22
CA SER A 633 42.92 -5.44 0.08
C SER A 633 43.12 -5.49 1.58
N PRO A 634 44.17 -6.19 2.10
CA PRO A 634 44.51 -6.15 3.52
C PRO A 634 44.67 -4.72 4.04
N GLU A 635 45.24 -3.84 3.21
CA GLU A 635 45.43 -2.45 3.55
C GLU A 635 44.10 -1.74 3.72
N ALA A 636 43.25 -1.83 2.69
CA ALA A 636 41.95 -1.16 2.71
C ALA A 636 41.07 -1.63 3.85
N LYS A 637 41.29 -2.89 4.29
CA LYS A 637 40.47 -3.51 5.32
C LYS A 637 40.50 -2.71 6.63
N TYR A 638 41.63 -2.03 6.89
CA TYR A 638 41.76 -1.19 8.07
C TYR A 638 40.73 -0.07 8.14
N ASP A 639 40.38 0.51 6.98
CA ASP A 639 39.38 1.57 6.90
C ASP A 639 38.03 1.12 7.48
N ALA A 640 37.71 -0.15 7.25
CA ALA A 640 36.45 -0.73 7.71
C ALA A 640 36.37 -0.79 9.23
N PHE A 641 37.52 -0.75 9.91
CA PHE A 641 37.53 -0.81 11.36
C PHE A 641 37.53 0.57 12.02
N LEU A 642 37.33 1.62 11.23
CA LEU A 642 37.18 2.96 11.77
C LEU A 642 35.93 3.07 12.64
N VAL A 643 36.05 3.86 13.72
CA VAL A 643 34.96 4.11 14.67
C VAL A 643 33.77 4.76 13.97
N THR A 644 34.04 5.45 12.85
CA THR A 644 33.01 6.08 12.05
C THR A 644 32.24 5.12 11.13
N ASN A 645 32.64 3.84 11.08
CA ASN A 645 31.93 2.83 10.31
C ASN A 645 31.18 1.86 11.25
N MET A 646 31.21 2.15 12.55
CA MET A 646 30.70 1.26 13.57
C MET A 646 29.27 1.68 13.94
N VAL A 647 28.41 0.69 14.19
CA VAL A 647 27.04 0.94 14.60
C VAL A 647 26.64 -0.04 15.71
N PRO A 648 25.80 0.37 16.68
CA PRO A 648 25.37 -0.53 17.75
C PRO A 648 24.53 -1.70 17.24
N MET A 649 24.91 -2.92 17.62
CA MET A 649 24.20 -4.12 17.20
C MET A 649 24.11 -5.13 18.34
N TYR A 650 22.90 -5.62 18.59
CA TYR A 650 22.70 -6.73 19.52
C TYR A 650 23.41 -7.96 18.95
N PRO A 651 24.06 -8.80 19.79
CA PRO A 651 24.58 -10.10 19.33
C PRO A 651 23.64 -10.90 18.45
N ALA A 652 22.35 -10.93 18.83
CA ALA A 652 21.35 -11.67 18.08
C ALA A 652 21.21 -11.13 16.66
N PHE A 653 21.22 -9.80 16.53
CA PHE A 653 21.06 -9.16 15.23
C PHE A 653 22.33 -9.31 14.39
N LYS A 654 23.49 -9.35 15.04
CA LYS A 654 24.74 -9.55 14.32
C LYS A 654 24.75 -10.86 13.53
N ARG A 655 24.04 -11.87 14.05
CA ARG A 655 23.89 -13.12 13.32
C ARG A 655 23.24 -12.88 11.96
N VAL A 656 22.23 -12.00 11.93
CA VAL A 656 21.55 -11.64 10.69
C VAL A 656 22.46 -10.80 9.80
N TRP A 657 23.05 -9.77 10.41
CA TRP A 657 23.83 -8.79 9.67
C TRP A 657 25.11 -9.42 9.10
N ALA A 658 25.79 -10.25 9.90
CA ALA A 658 26.98 -10.94 9.44
C ALA A 658 26.69 -11.81 8.23
N TYR A 659 25.56 -12.53 8.25
CA TYR A 659 25.21 -13.42 7.15
C TYR A 659 24.86 -12.63 5.90
N PHE A 660 24.16 -11.51 6.08
CA PHE A 660 23.85 -10.62 4.97
C PHE A 660 25.14 -10.09 4.34
N GLN A 661 26.04 -9.60 5.17
CA GLN A 661 27.28 -9.00 4.68
C GLN A 661 28.30 -10.00 4.14
N ARG A 662 28.39 -11.17 4.80
CA ARG A 662 29.41 -12.16 4.48
C ARG A 662 29.03 -13.01 3.28
N VAL A 663 27.75 -13.38 3.18
CA VAL A 663 27.28 -14.34 2.19
C VAL A 663 26.39 -13.70 1.14
N LEU A 664 25.36 -12.97 1.57
CA LEU A 664 24.29 -12.55 0.67
C LEU A 664 24.70 -11.45 -0.30
N VAL A 665 25.46 -10.45 0.17
CA VAL A 665 25.85 -9.34 -0.68
C VAL A 665 26.61 -9.89 -1.90
N LYS A 666 27.52 -10.83 -1.65
CA LYS A 666 28.30 -11.40 -2.73
C LYS A 666 27.43 -12.28 -3.64
N LYS A 667 26.47 -13.00 -3.04
CA LYS A 667 25.51 -13.76 -3.81
C LYS A 667 24.73 -12.85 -4.74
N TYR A 668 24.29 -11.69 -4.23
CA TYR A 668 23.53 -10.75 -5.02
C TYR A 668 24.38 -10.13 -6.13
N ALA A 669 25.66 -9.84 -5.83
CA ALA A 669 26.59 -9.34 -6.83
C ALA A 669 26.81 -10.33 -7.97
N SER A 670 26.92 -11.62 -7.62
CA SER A 670 27.05 -12.67 -8.61
C SER A 670 25.81 -12.78 -9.48
N GLU A 671 24.65 -12.75 -8.83
CA GLU A 671 23.38 -12.97 -9.51
C GLU A 671 22.95 -11.76 -10.35
N ARG A 672 23.29 -10.55 -9.92
CA ARG A 672 22.79 -9.34 -10.55
C ARG A 672 23.86 -8.62 -11.37
N ASN A 673 25.04 -9.24 -11.48
CA ASN A 673 26.18 -8.68 -12.19
C ASN A 673 26.63 -7.38 -11.53
N GLY A 674 26.97 -7.49 -10.25
CA GLY A 674 27.33 -6.34 -9.44
C GLY A 674 26.11 -5.76 -8.72
N VAL A 675 26.36 -5.26 -7.51
CA VAL A 675 25.34 -4.54 -6.76
C VAL A 675 25.97 -3.33 -6.11
N ASN A 676 25.22 -2.23 -6.10
CA ASN A 676 25.51 -1.09 -5.24
C ASN A 676 24.65 -1.24 -4.00
N VAL A 677 25.28 -1.09 -2.83
CA VAL A 677 24.60 -1.21 -1.56
C VAL A 677 24.68 0.11 -0.81
N ILE A 678 23.54 0.60 -0.33
CA ILE A 678 23.49 1.69 0.63
C ILE A 678 22.83 1.13 1.89
N SER A 679 23.56 1.21 3.02
CA SER A 679 23.06 0.72 4.29
C SER A 679 23.14 1.83 5.33
N GLY A 680 22.32 1.71 6.36
CA GLY A 680 22.36 2.64 7.47
C GLY A 680 21.34 2.32 8.55
N PRO A 681 21.32 3.13 9.62
CA PRO A 681 20.38 2.94 10.72
C PRO A 681 19.06 3.67 10.48
N ILE A 682 18.02 3.19 11.14
CA ILE A 682 16.75 3.89 11.25
C ILE A 682 16.38 3.99 12.72
N PHE A 683 15.84 5.16 13.10
CA PHE A 683 15.34 5.37 14.44
C PHE A 683 13.85 5.69 14.33
N ASP A 684 12.99 4.77 14.76
CA ASP A 684 11.54 4.99 14.78
C ASP A 684 10.91 4.45 16.06
N TYR A 685 11.31 5.04 17.19
CA TYR A 685 10.84 4.62 18.49
C TYR A 685 9.35 4.87 18.72
N ASN A 686 8.78 5.85 18.01
CA ASN A 686 7.35 6.11 18.11
C ASN A 686 6.55 5.46 16.97
N TYR A 687 7.19 4.55 16.22
CA TYR A 687 6.56 3.74 15.18
C TYR A 687 5.54 4.47 14.31
N ASP A 688 5.91 5.67 13.84
CA ASP A 688 5.06 6.41 12.92
C ASP A 688 5.55 6.33 11.48
N GLY A 689 6.59 5.52 11.23
CA GLY A 689 7.16 5.39 9.90
C GLY A 689 7.99 6.59 9.47
N LEU A 690 8.24 7.52 10.41
CA LEU A 690 9.01 8.71 10.11
C LEU A 690 10.28 8.77 10.97
N ARG A 691 11.34 9.32 10.37
CA ARG A 691 12.58 9.62 11.04
C ARG A 691 12.37 10.27 12.41
N ASP A 692 12.93 9.65 13.46
CA ASP A 692 12.88 10.24 14.78
C ASP A 692 13.82 11.45 14.86
N THR A 693 13.42 12.44 15.65
CA THR A 693 14.31 13.51 16.06
C THR A 693 15.10 13.00 17.27
N GLU A 694 16.17 13.72 17.65
CA GLU A 694 16.99 13.35 18.79
C GLU A 694 16.13 12.99 20.00
N ASP A 695 15.10 13.82 20.23
CA ASP A 695 14.30 13.76 21.44
C ASP A 695 13.44 12.50 21.53
N GLU A 696 13.16 11.87 20.40
CA GLU A 696 12.29 10.70 20.35
C GLU A 696 13.05 9.39 20.51
N ILE A 697 14.38 9.46 20.55
CA ILE A 697 15.21 8.28 20.77
C ILE A 697 15.03 7.85 22.23
N LYS A 698 14.68 6.58 22.46
CA LYS A 698 14.40 6.13 23.81
C LYS A 698 15.46 5.19 24.39
N GLN A 699 16.47 4.82 23.58
CA GLN A 699 17.50 3.92 24.07
C GLN A 699 18.87 4.31 23.53
N TYR A 700 19.86 4.29 24.43
CA TYR A 700 21.23 4.63 24.13
C TYR A 700 22.12 3.47 24.57
N VAL A 701 23.32 3.36 23.99
CA VAL A 701 24.30 2.41 24.50
C VAL A 701 24.61 2.89 25.92
N GLU A 702 24.71 1.95 26.86
CA GLU A 702 24.67 2.27 28.27
C GLU A 702 25.71 3.32 28.65
N GLY A 703 25.27 4.37 29.35
CA GLY A 703 26.14 5.42 29.86
C GLY A 703 26.73 6.33 28.77
N SER A 704 26.16 6.30 27.58
CA SER A 704 26.68 7.03 26.43
C SER A 704 25.57 7.82 25.76
N SER A 705 25.95 8.65 24.80
CA SER A 705 25.01 9.37 23.97
C SER A 705 24.86 8.70 22.60
N ILE A 706 25.31 7.44 22.51
CA ILE A 706 25.20 6.67 21.28
C ILE A 706 23.78 6.12 21.19
N PRO A 707 22.94 6.62 20.25
CA PRO A 707 21.56 6.14 20.12
C PRO A 707 21.51 4.77 19.48
N VAL A 708 20.50 3.97 19.86
CA VAL A 708 20.34 2.62 19.37
C VAL A 708 19.32 2.62 18.22
N PRO A 709 19.69 2.23 16.98
CA PRO A 709 18.70 2.08 15.91
C PRO A 709 17.64 1.04 16.24
N THR A 710 16.40 1.34 15.82
CA THR A 710 15.31 0.39 15.89
C THR A 710 15.39 -0.57 14.70
N HIS A 711 15.96 -0.08 13.60
CA HIS A 711 16.05 -0.86 12.38
C HIS A 711 17.35 -0.56 11.64
N TYR A 712 17.71 -1.47 10.73
CA TYR A 712 18.78 -1.23 9.78
C TYR A 712 18.25 -1.49 8.38
N TYR A 713 18.54 -0.56 7.46
CA TYR A 713 18.10 -0.67 6.08
C TYR A 713 19.26 -1.02 5.16
N SER A 714 18.92 -1.58 4.00
CA SER A 714 19.84 -1.59 2.86
C SER A 714 19.05 -1.44 1.58
N ILE A 715 19.62 -0.64 0.66
CA ILE A 715 19.09 -0.48 -0.68
C ILE A 715 20.13 -1.08 -1.62
N ILE A 716 19.71 -2.08 -2.39
CA ILE A 716 20.58 -2.83 -3.28
C ILE A 716 20.16 -2.60 -4.73
N THR A 717 21.01 -1.90 -5.49
CA THR A 717 20.68 -1.48 -6.84
C THR A 717 21.65 -2.10 -7.84
N SER A 718 21.11 -2.41 -9.02
CA SER A 718 21.88 -2.96 -10.12
C SER A 718 21.18 -2.59 -11.42
N CYS A 719 21.70 -3.08 -12.55
CA CYS A 719 21.13 -2.78 -13.84
C CYS A 719 19.97 -3.73 -14.13
N LEU A 720 18.83 -3.17 -14.55
CA LEU A 720 17.68 -3.98 -14.92
C LEU A 720 18.10 -4.99 -15.99
N ASP A 721 18.86 -4.52 -16.98
CA ASP A 721 19.56 -5.39 -17.91
C ASP A 721 20.81 -5.92 -17.22
N PHE A 722 20.77 -7.18 -16.77
CA PHE A 722 21.82 -7.78 -15.96
C PHE A 722 23.07 -8.16 -16.75
N THR A 723 22.99 -8.06 -18.09
CA THR A 723 24.15 -8.27 -18.94
C THR A 723 25.12 -7.10 -18.78
N GLN A 724 24.60 -5.94 -18.34
CA GLN A 724 25.42 -4.79 -18.02
C GLN A 724 25.80 -4.81 -16.55
N PRO A 725 27.07 -4.54 -16.19
CA PRO A 725 27.46 -4.46 -14.78
C PRO A 725 26.82 -3.25 -14.10
N ALA A 726 26.75 -3.29 -12.78
CA ALA A 726 26.00 -2.31 -12.01
C ALA A 726 26.58 -0.91 -12.14
N ASP A 727 27.91 -0.83 -12.30
CA ASP A 727 28.60 0.44 -12.42
C ASP A 727 28.67 0.98 -13.84
N LYS A 728 28.07 0.25 -14.80
CA LYS A 728 28.05 0.64 -16.20
C LYS A 728 26.68 0.32 -16.79
N CYS A 729 25.64 0.95 -16.24
CA CYS A 729 24.27 0.67 -16.62
C CYS A 729 23.71 1.86 -17.41
N ASP A 730 23.25 1.59 -18.63
CA ASP A 730 22.75 2.64 -19.52
C ASP A 730 21.27 2.92 -19.36
N GLY A 731 20.51 1.90 -18.95
CA GLY A 731 19.06 1.95 -18.96
C GLY A 731 18.43 1.91 -17.57
N PRO A 732 17.23 1.29 -17.42
CA PRO A 732 16.54 1.28 -16.13
C PRO A 732 17.30 0.51 -15.06
N LEU A 733 17.08 0.91 -13.80
CA LEU A 733 17.71 0.29 -12.65
C LEU A 733 16.82 -0.80 -12.07
N SER A 734 17.43 -1.72 -11.33
CA SER A 734 16.71 -2.74 -10.59
C SER A 734 17.07 -2.60 -9.12
N VAL A 735 16.06 -2.54 -8.26
CA VAL A 735 16.28 -2.34 -6.83
C VAL A 735 15.54 -3.37 -5.97
N SER A 736 16.18 -3.72 -4.86
CA SER A 736 15.54 -4.40 -3.76
C SER A 736 16.03 -3.72 -2.48
N SER A 737 15.16 -3.67 -1.47
CA SER A 737 15.46 -2.99 -0.22
C SER A 737 14.84 -3.74 0.94
N PHE A 738 15.39 -3.52 2.14
CA PHE A 738 14.81 -4.08 3.34
C PHE A 738 15.01 -3.11 4.49
N ILE A 739 14.16 -3.27 5.51
CA ILE A 739 14.27 -2.56 6.77
C ILE A 739 14.18 -3.65 7.84
N LEU A 740 15.34 -4.11 8.31
CA LEU A 740 15.37 -5.19 9.29
C LEU A 740 15.14 -4.62 10.68
N PRO A 741 14.25 -5.23 11.49
CA PRO A 741 14.11 -4.85 12.90
C PRO A 741 15.39 -5.19 13.66
N HIS A 742 15.90 -4.22 14.41
CA HIS A 742 17.08 -4.41 15.25
C HIS A 742 16.62 -5.01 16.56
N ARG A 743 16.49 -6.34 16.61
CA ARG A 743 15.94 -7.03 17.77
C ARG A 743 17.05 -7.71 18.57
N PRO A 744 16.94 -7.74 19.92
CA PRO A 744 17.93 -8.41 20.77
C PRO A 744 17.77 -9.93 20.79
N ASP A 745 16.86 -10.44 19.97
CA ASP A 745 16.61 -11.87 19.84
C ASP A 745 16.13 -12.15 18.42
N ASN A 746 16.04 -13.45 18.09
CA ASN A 746 15.52 -13.88 16.80
C ASN A 746 14.28 -14.75 16.99
N ASP A 747 13.44 -14.35 17.94
CA ASP A 747 12.22 -15.08 18.24
C ASP A 747 11.24 -15.02 17.07
N GLU A 748 11.35 -13.98 16.24
CA GLU A 748 10.55 -13.86 15.04
C GLU A 748 10.79 -15.01 14.06
N SER A 749 12.03 -15.50 14.01
CA SER A 749 12.43 -16.55 13.09
C SER A 749 12.46 -17.90 13.81
N CYS A 750 11.45 -18.73 13.56
CA CYS A 750 11.28 -19.97 14.30
C CYS A 750 12.38 -20.99 14.00
N ASN A 751 13.16 -20.76 12.94
CA ASN A 751 14.28 -21.63 12.60
C ASN A 751 15.63 -21.03 12.96
N SER A 752 15.63 -19.98 13.80
CA SER A 752 16.84 -19.21 14.05
C SER A 752 17.88 -19.94 14.92
N SER A 753 17.50 -21.08 15.49
CA SER A 753 18.47 -21.91 16.20
C SER A 753 19.37 -22.64 15.21
N GLU A 754 18.97 -22.65 13.93
CA GLU A 754 19.74 -23.32 12.90
C GLU A 754 20.70 -22.35 12.23
N ASP A 755 21.53 -22.88 11.34
CA ASP A 755 22.40 -22.09 10.50
C ASP A 755 21.62 -20.98 9.80
N GLU A 756 22.27 -19.81 9.67
CA GLU A 756 21.68 -18.63 9.06
C GLU A 756 21.20 -18.87 7.62
N SER A 757 21.79 -19.86 6.95
CA SER A 757 21.37 -20.24 5.61
C SER A 757 19.93 -20.76 5.56
N LYS A 758 19.38 -21.12 6.73
CA LYS A 758 18.04 -21.67 6.83
C LYS A 758 16.97 -20.65 7.18
N TRP A 759 17.33 -19.41 7.52
CA TRP A 759 16.35 -18.47 8.01
C TRP A 759 16.58 -16.98 7.81
N VAL A 760 17.83 -16.56 7.64
CA VAL A 760 18.12 -15.13 7.59
C VAL A 760 17.53 -14.48 6.35
N GLU A 761 17.65 -15.14 5.19
CA GLU A 761 17.17 -14.55 3.94
C GLU A 761 15.65 -14.46 3.96
N GLU A 762 14.95 -15.46 4.50
CA GLU A 762 13.51 -15.40 4.65
C GLU A 762 13.08 -14.26 5.57
N LEU A 763 13.84 -14.02 6.65
CA LEU A 763 13.59 -12.88 7.51
C LEU A 763 13.70 -11.57 6.74
N MET A 764 14.72 -11.48 5.89
CA MET A 764 14.95 -10.27 5.12
C MET A 764 13.82 -10.02 4.12
N LYS A 765 13.34 -11.09 3.48
CA LYS A 765 12.28 -10.97 2.48
C LYS A 765 10.97 -10.52 3.12
N MET A 766 10.70 -11.00 4.34
CA MET A 766 9.54 -10.59 5.11
C MET A 766 9.57 -9.08 5.39
N HIS A 767 10.79 -8.55 5.53
CA HIS A 767 11.00 -7.15 5.84
C HIS A 767 11.45 -6.36 4.63
N THR A 768 11.10 -6.85 3.43
CA THR A 768 11.27 -6.09 2.21
C THR A 768 10.58 -4.73 2.36
N ALA A 769 11.09 -3.73 1.63
CA ALA A 769 10.59 -2.36 1.72
C ALA A 769 10.77 -1.65 0.39
N ARG A 770 10.09 -0.50 0.27
CA ARG A 770 10.32 0.41 -0.84
C ARG A 770 11.40 1.38 -0.40
N VAL A 771 12.15 1.90 -1.38
CA VAL A 771 13.10 2.97 -1.12
C VAL A 771 12.36 4.13 -0.43
N ARG A 772 11.14 4.38 -0.90
CA ARG A 772 10.32 5.44 -0.34
C ARG A 772 10.09 5.26 1.16
N ASP A 773 9.88 4.01 1.59
CA ASP A 773 9.69 3.72 3.01
C ASP A 773 10.94 4.16 3.79
N ILE A 774 12.11 3.86 3.22
CA ILE A 774 13.38 4.18 3.86
C ILE A 774 13.58 5.69 3.89
N GLU A 775 13.17 6.37 2.82
CA GLU A 775 13.28 7.82 2.75
C GLU A 775 12.47 8.48 3.86
N HIS A 776 11.25 8.01 4.08
CA HIS A 776 10.42 8.53 5.16
C HIS A 776 11.09 8.31 6.52
N LEU A 777 11.72 7.14 6.68
CA LEU A 777 12.31 6.77 7.95
C LEU A 777 13.71 7.35 8.21
N THR A 778 14.35 7.92 7.17
CA THR A 778 15.69 8.48 7.29
C THR A 778 15.81 9.96 6.98
N GLY A 779 14.77 10.52 6.34
CA GLY A 779 14.84 11.89 5.86
C GLY A 779 15.89 12.08 4.76
N LEU A 780 16.16 11.02 4.00
CA LEU A 780 17.13 11.06 2.92
C LEU A 780 16.39 10.98 1.59
N ASP A 781 16.99 11.54 0.54
CA ASP A 781 16.47 11.41 -0.81
C ASP A 781 17.55 10.76 -1.68
N PHE A 782 17.21 9.61 -2.27
CA PHE A 782 18.13 8.82 -3.07
C PHE A 782 17.93 9.03 -4.56
N TYR A 783 18.90 8.51 -5.34
CA TYR A 783 18.84 8.51 -6.79
C TYR A 783 18.69 9.90 -7.39
N ARG A 784 19.47 10.89 -6.91
CA ARG A 784 19.32 12.27 -7.36
C ARG A 784 20.14 12.56 -8.61
N LYS A 785 21.03 11.64 -8.98
CA LYS A 785 21.86 11.78 -10.16
C LYS A 785 21.87 10.47 -10.95
N THR A 786 20.90 10.31 -11.85
CA THR A 786 20.87 9.20 -12.79
C THR A 786 20.67 9.72 -14.21
N SER A 787 20.69 8.80 -15.18
CA SER A 787 20.36 9.12 -16.56
C SER A 787 18.88 8.89 -16.82
N ARG A 788 18.09 8.86 -15.74
CA ARG A 788 16.69 8.49 -15.80
C ARG A 788 15.83 9.71 -15.50
N SER A 789 14.63 9.76 -16.08
CA SER A 789 13.68 10.81 -15.77
C SER A 789 13.26 10.71 -14.31
N TYR A 790 12.92 11.86 -13.70
CA TYR A 790 12.54 11.87 -12.31
C TYR A 790 11.26 11.07 -12.09
N SER A 791 10.27 11.25 -12.98
CA SER A 791 9.08 10.43 -12.99
C SER A 791 9.38 8.94 -12.87
N GLU A 792 10.35 8.46 -13.67
CA GLU A 792 10.74 7.06 -13.64
C GLU A 792 11.39 6.69 -12.31
N ILE A 793 12.20 7.60 -11.75
CA ILE A 793 12.86 7.37 -10.48
C ILE A 793 11.82 7.20 -9.37
N LEU A 794 10.75 7.99 -9.43
CA LEU A 794 9.69 7.88 -8.44
C LEU A 794 9.02 6.50 -8.48
N THR A 795 8.87 5.92 -9.68
CA THR A 795 8.32 4.58 -9.80
C THR A 795 9.28 3.56 -9.19
N LEU A 796 10.59 3.77 -9.44
CA LEU A 796 11.62 2.95 -8.84
C LEU A 796 11.56 3.01 -7.31
N LYS A 797 11.36 4.22 -6.77
CA LYS A 797 11.31 4.41 -5.33
C LYS A 797 10.06 3.81 -4.68
N THR A 798 8.96 3.69 -5.45
CA THR A 798 7.73 3.14 -4.91
C THR A 798 7.62 1.64 -5.14
N TYR A 799 8.50 1.08 -5.97
CA TYR A 799 8.56 -0.36 -6.18
C TYR A 799 8.79 -1.13 -4.90
N LEU A 800 8.03 -2.23 -4.73
CA LEU A 800 8.23 -3.18 -3.65
C LEU A 800 8.47 -4.58 -4.19
N HIS A 801 9.66 -5.14 -3.96
CA HIS A 801 9.93 -6.53 -4.32
C HIS A 801 9.32 -7.42 -3.23
N THR A 802 8.35 -8.25 -3.63
CA THR A 802 7.66 -9.13 -2.70
C THR A 802 8.10 -10.57 -2.99
N TYR A 803 8.06 -11.42 -1.97
CA TYR A 803 8.57 -12.78 -2.12
C TYR A 803 7.68 -13.78 -1.37
N GLU A 804 7.87 -15.06 -1.74
CA GLU A 804 7.12 -16.19 -1.20
C GLU A 804 5.73 -16.21 -1.82
C1 NAG B . 1.07 9.32 5.59
C2 NAG B . 2.30 9.56 6.46
C3 NAG B . 1.87 10.31 7.71
C4 NAG B . 1.07 11.56 7.38
C5 NAG B . -0.04 11.27 6.38
C6 NAG B . -0.71 12.53 5.87
C7 NAG B . 4.18 7.99 6.34
C8 NAG B . 4.74 6.69 6.86
N2 NAG B . 2.98 8.34 6.81
O3 NAG B . 3.04 10.65 8.44
O4 NAG B . 0.44 12.03 8.56
O5 NAG B . 0.49 10.57 5.25
O6 NAG B . 0.25 13.38 5.25
O7 NAG B . 4.79 8.66 5.51
H1 NAG B . 0.41 8.79 6.11
H2 NAG B . 2.92 10.15 5.95
H3 NAG B . 1.31 9.70 8.26
H4 NAG B . 1.68 12.25 7.01
H5 NAG B . -0.73 10.71 6.82
H61 NAG B . -1.13 13.00 6.61
H62 NAG B . -1.39 12.29 5.22
H81 NAG B . 4.12 6.29 7.49
H82 NAG B . 5.59 6.86 7.29
H83 NAG B . 4.87 6.08 6.12
HN2 NAG B . 2.60 7.80 7.39
HO3 NAG B . 3.05 11.50 8.61
HO4 NAG B . 0.00 11.41 8.92
HO6 NAG B . 0.99 13.06 5.33
C1 NAG B . 0.67 13.35 8.90
C2 NAG B . -0.47 13.86 9.77
C3 NAG B . -0.16 15.26 10.27
C4 NAG B . 1.26 15.41 10.80
C5 NAG B . 2.28 14.76 9.86
C6 NAG B . 3.68 14.72 10.43
C7 NAG B . -2.55 12.77 8.98
C8 NAG B . -3.73 12.91 8.07
N2 NAG B . -1.74 13.84 9.06
O3 NAG B . -1.11 15.56 11.28
O4 NAG B . 1.59 16.80 10.84
O5 NAG B . 1.90 13.40 9.61
O6 NAG B . 3.74 13.89 11.58
O7 NAG B . -2.34 11.75 9.62
H1 NAG B . 0.73 13.90 8.08
H2 NAG B . -0.54 13.26 10.55
H3 NAG B . -0.29 15.90 9.51
H4 NAG B . 1.33 15.02 11.70
H5 NAG B . 2.30 15.26 9.01
H61 NAG B . 3.96 15.63 10.68
H62 NAG B . 4.30 14.39 9.75
H81 NAG B . -3.72 13.78 7.64
H82 NAG B . -4.54 12.81 8.57
H83 NAG B . -3.68 12.22 7.38
HN2 NAG B . -1.99 14.57 8.65
HO3 NAG B . -0.71 15.75 11.98
HO6 NAG B . 2.97 13.64 11.78
C1 BMA B . 1.31 17.56 11.97
C2 BMA B . 2.42 18.58 12.09
C3 BMA B . 2.14 19.57 13.19
C4 BMA B . 0.77 20.17 13.01
C5 BMA B . -0.30 19.09 12.88
C6 BMA B . -1.65 19.65 12.52
O2 BMA B . 2.60 19.23 10.84
O3 BMA B . 3.14 20.58 13.20
O4 BMA B . 0.45 21.00 14.14
O5 BMA B . 0.05 18.19 11.82
O6 BMA B . -2.69 18.89 13.15
H1 BMA B . 1.29 16.96 12.78
H2 BMA B . 3.26 18.08 12.32
H3 BMA B . 2.16 19.09 14.07
H4 BMA B . 0.77 20.73 12.20
H5 BMA B . -0.36 18.60 13.73
H61 BMA B . -1.77 19.64 11.56
H62 BMA B . -1.71 20.58 12.83
HO2 BMA B . 2.04 18.87 10.27
HO3 BMA B . 3.65 20.42 12.54
HO6 BMA B . -2.69 19.03 13.98
C1 MAN B . -3.43 18.05 12.29
C2 MAN B . -4.85 18.58 12.24
C3 MAN B . -5.72 17.72 11.34
C4 MAN B . -5.15 16.31 11.24
C5 MAN B . -4.54 15.92 12.58
C6 MAN B . -4.06 14.48 12.66
O2 MAN B . -4.86 19.94 11.83
O3 MAN B . -5.82 18.31 10.04
O4 MAN B . -6.20 15.40 10.90
O5 MAN B . -3.38 16.74 12.85
O6 MAN B . -4.56 13.67 11.56
H1 MAN B . -3.03 18.04 11.38
H2 MAN B . -5.22 18.53 13.16
H3 MAN B . -6.63 17.68 11.72
H4 MAN B . -4.47 16.28 10.54
H5 MAN B . -5.20 16.06 13.29
H61 MAN B . -4.32 14.10 13.51
H62 MAN B . -3.07 14.47 12.62
HO2 MAN B . -5.33 20.07 11.26
HO3 MAN B . -5.50 17.86 9.48
HO4 MAN B . -6.28 14.88 11.45
C1 MAN B . -5.26 12.47 11.79
C2 MAN B . -6.01 12.56 13.14
C3 MAN B . -5.30 11.90 14.31
C4 MAN B . -4.75 10.55 13.91
C5 MAN B . -3.73 10.74 12.80
C6 MAN B . -3.13 9.42 12.35
O2 MAN B . -7.30 11.96 12.98
O3 MAN B . -6.20 11.76 15.41
O4 MAN B . -4.14 9.90 15.02
O5 MAN B . -4.36 11.33 11.64
O6 MAN B . -2.58 8.65 13.43
H1 MAN B . -5.96 12.37 11.09
H2 MAN B . -6.14 13.50 13.35
H3 MAN B . -4.53 12.47 14.58
H4 MAN B . -5.49 9.98 13.57
H5 MAN B . -3.01 11.34 13.13
H61 MAN B . -2.44 9.60 11.69
H62 MAN B . -3.83 8.90 11.90
HO2 MAN B . -7.40 11.44 13.44
HO3 MAN B . -6.29 10.92 15.54
HO4 MAN B . -3.28 9.78 14.81
ZN ZN C . -15.12 -10.03 1.93
ZN ZN D . -13.91 -6.01 0.16
CA CA E . 9.37 8.16 14.21
I IOD F . -10.64 -6.60 10.73
I IOD G . 17.33 15.64 14.77
C1 A1IG0 H . -16.04 3.07 2.39
N1 A1IG0 H . -17.27 3.01 1.60
C2 A1IG0 H . -17.27 3.38 0.30
N2 A1IG0 H . -16.19 3.79 -0.31
C3 A1IG0 H . -16.47 4.10 -1.63
C4 A1IG0 H . -15.39 4.59 -2.49
C5 A1IG0 H . -14.07 4.66 -2.03
C6 A1IG0 H . -13.05 5.14 -2.85
C7 A1IG0 H . -13.38 5.57 -4.11
F1 A1IG0 H . -12.41 6.05 -4.92
C8 A1IG0 H . -14.66 5.53 -4.61
C9 A1IG0 H . -15.66 5.04 -3.78
C10 A1IG0 H . -17.76 3.93 -1.99
S1 A1IG0 H . -18.72 3.40 -0.67
C11 A1IG0 H . -18.46 2.63 2.23
C12 A1IG0 H . -19.30 1.55 2.02
C13 A1IG0 H . -19.18 0.36 1.13
C14 A1IG0 H . -19.12 -0.98 1.90
C15 A1IG0 H . -20.09 -2.03 1.40
N3 A1IG0 H . -19.52 -3.36 1.43
C16 A1IG0 H . -19.55 -4.14 2.52
O1 A1IG0 H . -20.29 -3.90 3.47
C17 A1IG0 H . -18.61 -5.31 2.56
C18 A1IG0 H . -18.14 -5.90 1.38
C19 A1IG0 H . -17.24 -6.95 1.39
C20 A1IG0 H . -16.83 -7.41 2.63
N4 A1IG0 H . -15.96 -8.43 3.02
C21 A1IG0 H . -15.90 -8.48 4.36
O2 A1IG0 H . -15.25 -9.22 5.08
O3 A1IG0 H . -16.71 -7.49 4.86
C22 A1IG0 H . -17.29 -6.83 3.79
C23 A1IG0 H . -18.16 -5.79 3.78
N5 A1IG0 H . -20.38 1.64 2.88
C24 A1IG0 H . -20.20 2.80 3.57
C25 A1IG0 H . -20.99 3.43 4.55
C26 A1IG0 H . -20.53 4.63 5.07
C27 A1IG0 H . -19.35 5.20 4.60
C28 A1IG0 H . -18.85 6.50 5.17
C29 A1IG0 H . -19.90 7.61 5.10
C30 A1IG0 H . -19.38 8.88 5.71
N6 A1IG0 H . -18.15 9.28 5.01
S2 A1IG0 H . -17.69 10.84 5.21
C31 A1IG0 H . -17.23 10.99 6.89
O4 A1IG0 H . -18.85 11.65 4.99
O5 A1IG0 H . -16.54 11.04 4.39
C32 A1IG0 H . -17.09 8.28 5.13
C33 A1IG0 H . -17.55 6.97 4.53
N7 A1IG0 H . -18.59 4.63 3.66
N8 A1IG0 H . -19.08 3.43 3.18
H3 A1IG0 H . -15.38 2.47 2.00
H1 A1IG0 H . -16.22 2.80 3.30
H2 A1IG0 H . -15.69 3.97 2.39
H4 A1IG0 H . -13.86 4.36 -1.15
H5 A1IG0 H . -12.17 5.18 -2.54
H6 A1IG0 H . -14.86 5.82 -5.47
H7 A1IG0 H . -16.55 5.00 -4.11
H8 A1IG0 H . -18.10 4.07 -2.85
H9 A1IG0 H . -18.36 0.44 0.59
H10 A1IG0 H . -19.94 0.33 0.51
H11 A1IG0 H . -19.31 -0.80 2.84
H12 A1IG0 H . -18.22 -1.34 1.84
H13 A1IG0 H . -20.36 -1.81 0.49
H14 A1IG0 H . -20.90 -2.01 1.97
H15 A1IG0 H . -19.14 -3.66 0.71
H16 A1IG0 H . -18.42 -5.57 0.55
H17 A1IG0 H . -16.94 -7.34 0.61
H18 A1IG0 H . -15.52 -8.96 2.51
H19 A1IG0 H . -18.47 -5.41 4.57
H20 A1IG0 H . -21.78 3.04 4.86
H21 A1IG0 H . -21.04 5.06 5.73
H22 A1IG0 H . -18.66 6.36 6.14
H24 A1IG0 H . -20.71 7.32 5.58
H23 A1IG0 H . -20.15 7.76 4.15
H25 A1IG0 H . -19.18 8.73 6.67
H26 A1IG0 H . -20.06 9.60 5.63
H28 A1IG0 H . -17.46 10.17 7.36
H29 A1IG0 H . -17.69 11.74 7.29
H27 A1IG0 H . -16.27 11.13 6.94
H30 A1IG0 H . -16.87 8.14 6.09
H31 A1IG0 H . -16.27 8.59 4.66
H33 A1IG0 H . -16.86 6.29 4.65
H32 A1IG0 H . -17.69 7.09 3.56
S SCN I . 21.65 -8.86 23.77
C SCN I . 21.35 -9.58 22.39
N SCN I . 21.18 -10.12 21.39
I IOD J . -13.71 -24.76 23.84
S SCN K . -12.58 -16.15 17.93
C SCN K . -13.53 -16.29 16.66
N SCN K . -14.19 -16.39 15.72
S SCN L . -13.15 -13.59 19.54
C SCN L . -13.26 -12.95 20.97
N SCN L . -13.33 -12.45 22.01
S SCN M . -13.71 -3.57 24.68
C SCN M . -12.33 -3.51 25.45
N SCN M . -11.31 -3.51 25.98
S SCN N . -21.13 2.79 19.78
C SCN N . -20.29 1.52 20.17
N SCN N . -19.65 0.61 20.48
S SCN O . -24.51 -11.92 -8.65
C SCN O . -24.71 -13.34 -9.31
N SCN O . -24.82 -14.37 -9.81
S SCN P . -36.77 7.09 -13.40
C SCN P . -37.98 6.34 -14.06
N SCN P . -38.86 5.79 -14.57
S SCN Q . -32.55 11.17 -11.06
C SCN Q . -31.91 12.59 -11.26
N SCN Q . -31.40 13.62 -11.40
S SCN R . 29.82 -8.33 10.45
C SCN R . 29.59 -6.77 10.45
N SCN R . 29.36 -5.65 10.46
S SCN S . 12.70 -18.95 17.91
C SCN S . 13.54 -20.28 18.00
N SCN S . 14.17 -21.24 18.04
S SCN T . -7.72 7.37 14.11
C SCN T . -7.25 8.43 15.17
N SCN T . -6.88 9.21 15.92
S SCN U . -14.43 -9.05 18.25
C SCN U . -14.66 -8.71 16.72
N SCN U . -14.78 -8.47 15.61
S SCN V . 23.66 3.76 -13.34
C SCN V . 25.17 3.32 -13.33
N SCN V . 26.28 3.03 -13.31
S SCN W . 32.21 3.67 -11.87
C SCN W . 33.32 2.58 -11.80
N SCN W . 34.17 1.79 -11.73
S SCN X . -28.55 8.47 6.80
C SCN X . -27.49 8.35 7.95
N SCN X . -26.75 8.26 8.83
C1 GOL Y . 8.41 -12.60 18.83
O1 GOL Y . 8.02 -13.70 19.64
C2 GOL Y . 7.49 -12.43 17.64
O2 GOL Y . 7.22 -13.69 17.04
C3 GOL Y . 8.02 -11.46 16.60
O3 GOL Y . 8.43 -10.23 17.20
H11 GOL Y . 9.33 -12.74 18.50
H12 GOL Y . 8.41 -11.77 19.37
HO1 GOL Y . 8.57 -13.76 20.28
H2 GOL Y . 6.64 -12.07 17.98
HO2 GOL Y . 7.42 -13.64 16.22
H31 GOL Y . 7.31 -11.28 15.94
H32 GOL Y . 8.78 -11.88 16.14
HO3 GOL Y . 7.85 -10.00 17.77
C1 GOL Z . -0.09 10.72 -9.38
O1 GOL Z . 1.08 10.21 -8.73
C2 GOL Z . 0.26 11.33 -10.72
O2 GOL Z . 1.35 10.62 -11.29
C3 GOL Z . -0.91 11.37 -11.69
O3 GOL Z . -0.89 10.24 -12.56
H11 GOL Z . -0.52 11.40 -8.81
H12 GOL Z . -0.73 9.99 -9.53
HO1 GOL Z . 0.80 9.85 -7.98
H2 GOL Z . 0.55 12.26 -10.56
HO2 GOL Z . 1.13 10.34 -12.03
H31 GOL Z . -0.85 12.19 -12.23
H32 GOL Z . -1.75 11.38 -11.18
HO3 GOL Z . -0.41 9.64 -12.22
C1 GOL AA . -14.58 2.65 -28.70
O1 GOL AA . -13.22 3.08 -28.72
C2 GOL AA . -15.48 3.77 -29.13
O2 GOL AA . -15.18 4.91 -28.32
C3 GOL AA . -15.34 4.13 -30.59
O3 GOL AA . -16.38 3.57 -31.39
H11 GOL AA . -14.82 2.35 -27.79
H12 GOL AA . -14.69 1.88 -29.32
HO1 GOL AA . -12.71 2.44 -28.49
H2 GOL AA . -16.41 3.50 -28.96
HO2 GOL AA . -14.97 5.55 -28.82
H31 GOL AA . -14.46 3.81 -30.92
H32 GOL AA . -15.36 5.12 -30.68
HO3 GOL AA . -16.61 2.83 -31.06
S SCN BA . -18.51 -0.03 -34.50
C SCN BA . -17.06 -0.61 -34.59
N SCN BA . -16.00 -1.07 -34.63
C1 GOL CA . -29.44 6.19 -20.18
O1 GOL CA . -28.30 6.65 -20.91
C2 GOL CA . -29.80 7.15 -19.05
O2 GOL CA . -29.09 8.37 -19.21
C3 GOL CA . -31.28 7.42 -18.96
O3 GOL CA . -31.90 6.69 -17.90
H11 GOL CA . -29.24 5.31 -19.80
H12 GOL CA . -30.21 6.11 -20.78
HO1 GOL CA . -28.12 6.08 -21.51
H2 GOL CA . -29.50 6.73 -18.21
HO2 GOL CA . -29.66 9.00 -19.20
H31 GOL CA . -31.71 7.17 -19.80
H32 GOL CA . -31.42 8.38 -18.81
HO3 GOL CA . -31.41 6.75 -17.20
S SCN DA . 29.08 -8.99 23.59
C SCN DA . 28.07 -8.08 24.37
N SCN DA . 27.32 -7.38 24.91
S SCN EA . -22.86 11.03 4.78
C SCN EA . -22.83 10.04 6.00
N SCN EA . -22.77 9.31 6.89
C1 GOL FA . -12.53 18.74 -21.44
O1 GOL FA . -13.80 18.50 -20.86
C2 GOL FA . -12.65 19.57 -22.70
O2 GOL FA . -13.42 18.87 -23.66
C3 GOL FA . -13.27 20.94 -22.45
O3 GOL FA . -12.61 21.97 -23.19
H11 GOL FA . -12.10 17.88 -21.67
H12 GOL FA . -11.96 19.21 -20.79
HO1 GOL FA . -13.69 18.04 -20.15
H2 GOL FA . -11.74 19.71 -23.06
HO2 GOL FA . -14.08 19.36 -23.90
H31 GOL FA . -13.21 21.15 -21.49
H32 GOL FA . -14.21 20.91 -22.71
HO3 GOL FA . -12.18 21.64 -23.84
I IOD GA . -39.01 3.52 -30.81
S SCN HA . 16.12 -8.52 0.00
C SCN HA . 14.85 -8.24 0.87
N SCN HA . 13.93 -8.00 1.53
S SCN IA . 16.04 -20.53 3.68
C SCN IA . 16.23 -19.12 4.38
N SCN IA . 16.33 -18.10 4.88
S SCN JA . -22.19 2.17 -35.03
C SCN JA . -23.07 2.47 -33.74
N SCN JA . -23.66 2.67 -32.79
I IOD KA . 4.77 -5.26 -15.69
I IOD LA . 14.51 3.23 -13.36
C1 GOL MA . 1.16 13.69 -2.58
O1 GOL MA . 1.49 12.44 -2.01
C2 GOL MA . 0.48 14.60 -1.57
O2 GOL MA . 0.97 14.31 -0.27
C3 GOL MA . 0.66 16.07 -1.88
O3 GOL MA . 0.80 16.30 -3.29
H11 GOL MA . 0.55 13.56 -3.35
H12 GOL MA . 1.97 14.13 -2.91
HO1 GOL MA . 1.83 11.98 -2.64
H2 GOL MA . -0.48 14.42 -1.60
HO2 GOL MA . 1.26 15.02 0.06
H31 GOL MA . 1.46 16.41 -1.42
H32 GOL MA . -0.13 16.58 -1.56
HO3 GOL MA . 0.14 15.94 -3.69
I IOD NA . 29.86 -3.52 -10.88
C1 GOL OA . 31.36 -6.30 21.55
O1 GOL OA . 32.67 -6.63 21.09
C2 GOL OA . 31.37 -5.63 22.91
O2 GOL OA . 30.26 -6.09 23.67
C3 GOL OA . 32.64 -5.84 23.70
O3 GOL OA . 33.61 -4.84 23.40
H11 GOL OA . 30.82 -7.13 21.61
H12 GOL OA . 30.93 -5.70 20.90
HO1 GOL OA . 32.58 -6.99 20.33
H2 GOL OA . 31.25 -4.65 22.76
HO2 GOL OA . 30.56 -6.41 24.42
H31 GOL OA . 33.01 -6.73 23.48
H32 GOL OA . 32.44 -5.82 24.66
HO3 GOL OA . 33.58 -4.66 22.57
S SCN PA . 12.60 14.26 7.63
C SCN PA . 11.83 15.47 6.98
N SCN PA . 11.28 16.33 6.45
S SCN QA . 22.94 14.80 -4.75
C SCN QA . 22.31 16.24 -4.86
N SCN QA . 21.82 17.27 -4.95
S SCN RA . 30.79 9.03 22.94
C SCN RA . 29.50 9.27 23.80
N SCN RA . 28.56 9.40 24.45
S SCN SA . -2.90 0.27 21.19
C SCN SA . -3.73 1.37 21.95
N SCN SA . -4.29 2.19 22.51
I IOD TA . 2.72 -16.03 0.98
I IOD UA . -12.55 -17.12 12.55
I IOD VA . -27.46 -4.52 13.60
I IOD WA . 41.20 5.49 21.05
C1 GOL XA . -21.39 12.32 0.12
O1 GOL XA . -22.12 13.54 0.25
C2 GOL XA . -20.33 12.40 -0.96
O2 GOL XA . -20.16 11.12 -1.57
C3 GOL XA . -20.62 13.43 -2.03
O3 GOL XA . -19.96 14.67 -1.79
H11 GOL XA . -22.01 11.59 -0.09
H12 GOL XA . -20.95 12.11 0.98
HO1 GOL XA . -22.68 13.44 0.88
H2 GOL XA . -19.47 12.65 -0.53
HO2 GOL XA . -20.24 11.20 -2.38
H31 GOL XA . -21.59 13.59 -2.09
H32 GOL XA . -20.31 13.08 -2.91
HO3 GOL XA . -19.75 14.73 -0.97
S SCN YA . -17.04 19.88 3.21
C SCN YA . -17.79 18.85 2.29
N SCN YA . -18.34 18.07 1.64
S SCN ZA . 9.73 13.74 -15.13
C SCN ZA . 8.40 14.54 -15.33
N SCN ZA . 7.41 15.12 -15.51
S SCN AB . 13.85 -2.66 18.39
C SCN AB . 15.05 -1.96 19.14
N SCN AB . 15.95 -1.47 19.66
I IOD BB . -13.59 -4.81 17.97
I IOD CB . -1.34 -7.23 -17.91
I IOD DB . -32.25 0.39 3.48
I IOD EB . -22.64 -5.41 -9.93
S SCN FB . -13.18 13.37 6.69
C SCN FB . -14.30 12.98 7.72
N SCN FB . -15.07 12.69 8.52
C1 GOL GB . -26.87 -1.27 7.71
O1 GOL GB . -26.38 -2.54 7.32
C2 GOL GB . -26.70 -0.23 6.61
O2 GOL GB . -25.97 -0.80 5.53
C3 GOL GB . -28.01 0.34 6.11
O3 GOL GB . -27.89 0.95 4.83
H11 GOL GB . -26.38 -0.96 8.51
H12 GOL GB . -27.83 -1.34 7.95
HO1 GOL GB . -26.45 -3.06 7.97
H2 GOL GB . -26.16 0.51 6.98
HO2 GOL GB . -26.52 -0.73 4.83
H31 GOL GB . -28.34 1.02 6.76
H32 GOL GB . -28.69 -0.38 6.06
HO3 GOL GB . -27.13 0.76 4.50
S SCN HB . -22.55 2.38 0.02
S SCN HB . -18.31 -2.93 -1.36
C SCN HB . -22.22 2.14 -1.50
C SCN HB . -17.46 -2.25 -2.51
N SCN HB . -22.00 1.94 -2.60
N SCN HB . -16.86 -1.74 -3.35
#